data_3D4K
#
_entry.id   3D4K
#
_cell.length_a   60.015
_cell.length_b   63.547
_cell.length_c   126.215
_cell.angle_alpha   90.000
_cell.angle_beta   86.910
_cell.angle_gamma   90.000
#
_symmetry.space_group_name_H-M   'P 1 21 1'
#
loop_
_entity.id
_entity.type
_entity.pdbx_description
1 polymer Concanavalin-A
2 branched 'alpha-D-mannopyranose-(1-3)-[alpha-D-mannopyranose-(1-6)]methyl 2-deoxy-2-(2-hydroxyethyl)-alpha-D-mannopyranoside'
3 non-polymer 'MANGANESE (II) ION'
4 non-polymer 'CALCIUM ION'
5 non-polymer GLYCEROL
6 water water
#
_entity_poly.entity_id   1
_entity_poly.type   'polypeptide(L)'
_entity_poly.pdbx_seq_one_letter_code
;ADTIVAVELDTYPNTDIGDPSYPHIGIDIKSVRSKKTAKWNMQNGKVGTAHIIYNSVDKRLSAVVSYPNADSATVSYDVD
LDNVLPEWVRVGLSASTGLYKETNTILSWSFTSKLKSNSTHETNALHFMFNQFSKDQKDLILQGDATTGTDGNLELTRVS
SNGSPQGSSVGRALFYAPVHIWESSAVVASFEATFTFLIKSPDSHPADGIAFFISNIDSSIPSGSTGRLLGLFPDAN
;
_entity_poly.pdbx_strand_id   A,B,C,D
#
# COMPACT_ATOMS: atom_id res chain seq x y z
N ALA A 1 7.81 -33.94 4.99
CA ALA A 1 8.00 -32.47 4.96
C ALA A 1 9.14 -32.05 5.89
N ASP A 2 9.03 -32.41 7.17
CA ASP A 2 10.06 -32.08 8.15
C ASP A 2 11.36 -32.83 7.86
N THR A 3 12.47 -32.27 8.30
CA THR A 3 13.79 -32.88 8.12
C THR A 3 14.20 -33.23 9.54
N ILE A 4 14.40 -34.53 9.80
CA ILE A 4 14.78 -34.99 11.12
C ILE A 4 16.06 -35.81 11.27
N VAL A 5 16.84 -35.47 12.29
CA VAL A 5 18.10 -36.15 12.61
C VAL A 5 17.87 -36.41 14.09
N ALA A 6 17.93 -37.66 14.52
CA ALA A 6 17.71 -37.93 15.93
C ALA A 6 18.44 -39.13 16.48
N VAL A 7 18.54 -39.16 17.81
CA VAL A 7 19.19 -40.26 18.50
C VAL A 7 18.02 -40.84 19.28
N GLU A 8 17.66 -42.08 18.96
CA GLU A 8 16.54 -42.72 19.65
C GLU A 8 16.90 -43.74 20.72
N LEU A 9 16.10 -43.73 21.78
CA LEU A 9 16.24 -44.63 22.92
C LEU A 9 14.96 -45.43 22.73
N ASP A 10 15.04 -46.38 21.80
CA ASP A 10 13.93 -47.26 21.45
C ASP A 10 13.73 -48.42 22.42
N THR A 11 12.69 -48.33 23.23
CA THR A 11 12.39 -49.37 24.22
C THR A 11 11.57 -50.57 23.74
N TYR A 12 10.86 -50.41 22.63
CA TYR A 12 10.05 -51.52 22.13
C TYR A 12 10.45 -51.99 20.75
N PRO A 13 10.84 -53.26 20.62
CA PRO A 13 11.22 -53.70 19.27
C PRO A 13 10.08 -53.92 18.28
N ASN A 14 10.15 -53.20 17.16
CA ASN A 14 9.15 -53.29 16.08
C ASN A 14 9.96 -53.91 14.93
N THR A 15 10.22 -55.21 15.03
CA THR A 15 10.99 -55.90 14.00
C THR A 15 10.42 -55.87 12.58
N ASP A 16 9.15 -55.52 12.45
CA ASP A 16 8.56 -55.46 11.12
C ASP A 16 8.97 -54.20 10.36
N ILE A 17 9.59 -53.25 11.06
CA ILE A 17 10.02 -52.03 10.39
C ILE A 17 11.52 -51.78 10.49
N GLY A 18 12.30 -52.85 10.58
CA GLY A 18 13.75 -52.72 10.67
C GLY A 18 14.40 -52.72 12.04
N ASP A 19 13.62 -52.82 13.10
CA ASP A 19 14.20 -52.82 14.45
C ASP A 19 14.75 -54.17 14.87
N PRO A 20 15.86 -54.17 15.62
CA PRO A 20 16.46 -55.42 16.10
C PRO A 20 15.50 -55.99 17.15
N SER A 21 15.69 -57.26 17.51
CA SER A 21 14.84 -57.92 18.51
C SER A 21 15.15 -57.62 19.97
N TYR A 22 15.40 -56.36 20.29
CA TYR A 22 15.71 -55.98 21.67
C TYR A 22 15.77 -54.47 21.81
N PRO A 23 15.60 -53.96 23.05
CA PRO A 23 15.67 -52.51 23.26
C PRO A 23 17.01 -52.07 22.67
N HIS A 24 17.04 -50.88 22.08
CA HIS A 24 18.28 -50.40 21.47
C HIS A 24 18.32 -48.88 21.34
N ILE A 25 19.50 -48.36 21.03
CA ILE A 25 19.70 -46.94 20.85
C ILE A 25 20.10 -46.87 19.39
N GLY A 26 19.68 -45.82 18.70
CA GLY A 26 20.05 -45.72 17.31
C GLY A 26 20.15 -44.31 16.77
N ILE A 27 20.77 -44.20 15.61
CA ILE A 27 20.95 -42.91 14.95
C ILE A 27 20.00 -42.91 13.76
N ASP A 28 19.04 -41.98 13.80
CA ASP A 28 18.04 -41.85 12.74
C ASP A 28 18.31 -40.64 11.86
N ILE A 29 18.51 -40.88 10.57
CA ILE A 29 18.77 -39.80 9.65
C ILE A 29 17.62 -39.76 8.62
N LYS A 30 16.68 -38.84 8.85
CA LYS A 30 15.52 -38.67 7.97
C LYS A 30 14.65 -39.90 7.81
N SER A 31 14.80 -40.85 8.75
CA SER A 31 14.02 -42.09 8.71
C SER A 31 13.99 -42.77 10.07
N VAL A 32 12.85 -43.37 10.40
CA VAL A 32 12.70 -44.06 11.68
C VAL A 32 13.53 -45.35 11.66
N ARG A 33 13.91 -45.79 10.47
CA ARG A 33 14.72 -47.00 10.35
C ARG A 33 16.18 -46.55 10.53
N SER A 34 16.65 -46.67 11.76
CA SER A 34 18.00 -46.28 12.14
C SER A 34 19.08 -46.72 11.15
N LYS A 35 20.05 -45.84 10.93
CA LYS A 35 21.16 -46.12 10.02
C LYS A 35 22.18 -46.96 10.80
N LYS A 36 22.09 -46.90 12.12
CA LYS A 36 23.00 -47.63 12.99
C LYS A 36 22.34 -47.83 14.35
N THR A 37 22.55 -48.99 14.96
CA THR A 37 21.96 -49.26 16.27
C THR A 37 22.91 -50.03 17.16
N ALA A 38 22.57 -50.09 18.45
CA ALA A 38 23.37 -50.80 19.43
C ALA A 38 22.42 -51.33 20.50
N LYS A 39 22.69 -52.53 20.99
CA LYS A 39 21.85 -53.13 22.02
C LYS A 39 21.87 -52.26 23.26
N TRP A 40 20.70 -52.05 23.85
CA TRP A 40 20.58 -51.23 25.05
C TRP A 40 19.84 -51.97 26.16
N ASN A 41 20.50 -52.08 27.31
CA ASN A 41 19.90 -52.76 28.46
C ASN A 41 19.15 -51.75 29.31
N MET A 42 17.94 -51.41 28.87
CA MET A 42 17.13 -50.44 29.60
C MET A 42 16.70 -51.01 30.95
N GLN A 43 16.80 -50.19 31.98
CA GLN A 43 16.44 -50.59 33.34
C GLN A 43 15.19 -49.87 33.79
N ASN A 44 14.05 -50.56 33.67
CA ASN A 44 12.76 -50.02 34.05
C ASN A 44 12.76 -49.45 35.47
N GLY A 45 12.43 -48.17 35.59
CA GLY A 45 12.39 -47.54 36.90
C GLY A 45 13.65 -46.84 37.38
N LYS A 46 14.74 -46.94 36.63
CA LYS A 46 15.98 -46.30 37.04
C LYS A 46 16.30 -45.05 36.21
N VAL A 47 16.90 -44.06 36.84
CA VAL A 47 17.27 -42.83 36.16
C VAL A 47 18.51 -43.07 35.29
N GLY A 48 18.37 -42.80 34.00
CA GLY A 48 19.48 -42.98 33.08
C GLY A 48 19.98 -41.68 32.52
N THR A 49 21.12 -41.74 31.82
CA THR A 49 21.73 -40.55 31.23
C THR A 49 22.09 -40.80 29.77
N ALA A 50 21.81 -39.82 28.91
CA ALA A 50 22.12 -39.92 27.49
C ALA A 50 23.00 -38.73 27.09
N HIS A 51 24.08 -39.00 26.38
CA HIS A 51 24.99 -37.94 25.94
C HIS A 51 25.15 -38.07 24.43
N ILE A 52 24.93 -36.97 23.72
CA ILE A 52 25.06 -36.94 22.27
C ILE A 52 26.11 -35.93 21.87
N ILE A 53 26.97 -36.28 20.92
CA ILE A 53 28.02 -35.37 20.48
C ILE A 53 28.23 -35.42 18.97
N TYR A 54 28.64 -34.29 18.42
CA TYR A 54 28.89 -34.20 16.99
C TYR A 54 29.86 -33.05 16.71
N ASN A 55 30.78 -33.24 15.78
CA ASN A 55 31.72 -32.18 15.44
C ASN A 55 31.98 -32.30 13.93
N SER A 56 32.12 -31.16 13.26
CA SER A 56 32.35 -31.15 11.82
C SER A 56 33.73 -31.61 11.39
N VAL A 57 34.66 -31.70 12.34
CA VAL A 57 36.01 -32.13 11.99
C VAL A 57 35.93 -33.58 11.53
N ASP A 58 35.32 -34.43 12.34
CA ASP A 58 35.17 -35.85 12.00
C ASP A 58 33.85 -36.15 11.30
N LYS A 59 32.88 -35.23 11.42
CA LYS A 59 31.56 -35.41 10.81
C LYS A 59 31.00 -36.75 11.26
N ARG A 60 30.99 -36.94 12.57
CA ARG A 60 30.48 -38.16 13.16
C ARG A 60 29.51 -37.86 14.31
N LEU A 61 28.34 -38.48 14.29
CA LEU A 61 27.35 -38.27 15.34
C LEU A 61 27.42 -39.50 16.24
N SER A 62 27.70 -39.28 17.53
CA SER A 62 27.81 -40.38 18.48
C SER A 62 26.94 -40.15 19.71
N ALA A 63 26.56 -41.24 20.36
CA ALA A 63 25.73 -41.15 21.55
C ALA A 63 26.06 -42.29 22.50
N VAL A 64 25.93 -42.02 23.80
CA VAL A 64 26.21 -43.01 24.81
C VAL A 64 25.09 -42.90 25.84
N VAL A 65 24.49 -44.04 26.18
CA VAL A 65 23.39 -44.06 27.15
C VAL A 65 23.81 -44.99 28.27
N SER A 66 23.64 -44.54 29.51
CA SER A 66 24.03 -45.38 30.63
C SER A 66 23.32 -45.11 31.94
N TYR A 67 23.46 -46.09 32.84
CA TYR A 67 22.88 -46.07 34.17
C TYR A 67 24.05 -46.19 35.14
N PRO A 68 23.97 -45.55 36.31
CA PRO A 68 25.08 -45.65 37.27
C PRO A 68 25.46 -47.10 37.54
N ASN A 69 26.76 -47.35 37.62
CA ASN A 69 27.30 -48.69 37.88
C ASN A 69 26.80 -49.78 36.93
N ALA A 70 26.90 -49.53 35.64
CA ALA A 70 26.47 -50.49 34.63
C ALA A 70 27.17 -50.17 33.32
N ASP A 71 27.35 -51.18 32.48
CA ASP A 71 28.00 -50.96 31.20
C ASP A 71 27.12 -50.04 30.36
N SER A 72 27.74 -49.13 29.63
CA SER A 72 26.99 -48.21 28.80
C SER A 72 26.81 -48.74 27.38
N ALA A 73 25.84 -48.18 26.67
CA ALA A 73 25.55 -48.57 25.30
C ALA A 73 26.00 -47.39 24.45
N THR A 74 26.72 -47.66 23.37
CA THR A 74 27.22 -46.60 22.51
C THR A 74 26.95 -46.85 21.02
N VAL A 75 26.77 -45.78 20.27
CA VAL A 75 26.50 -45.91 18.85
C VAL A 75 27.04 -44.67 18.11
N SER A 76 27.67 -44.89 16.97
CA SER A 76 28.23 -43.80 16.20
C SER A 76 27.92 -43.98 14.72
N TYR A 77 27.76 -42.86 14.01
CA TYR A 77 27.47 -42.93 12.60
C TYR A 77 28.10 -41.75 11.85
N ASP A 78 28.75 -42.03 10.73
CA ASP A 78 29.38 -40.99 9.94
C ASP A 78 28.28 -40.27 9.18
N VAL A 79 28.22 -38.95 9.31
CA VAL A 79 27.19 -38.18 8.62
C VAL A 79 27.57 -36.70 8.59
N ASP A 80 27.44 -36.08 7.42
CA ASP A 80 27.75 -34.67 7.25
C ASP A 80 26.43 -33.93 7.39
N LEU A 81 26.19 -33.33 8.54
CA LEU A 81 24.94 -32.60 8.77
C LEU A 81 24.69 -31.45 7.80
N ASP A 82 25.75 -30.91 7.21
CA ASP A 82 25.63 -29.82 6.25
C ASP A 82 24.79 -30.26 5.05
N ASN A 83 24.83 -31.55 4.76
CA ASN A 83 24.07 -32.11 3.64
C ASN A 83 22.76 -32.77 4.05
N VAL A 84 22.41 -32.67 5.32
CA VAL A 84 21.17 -33.28 5.78
C VAL A 84 20.16 -32.28 6.34
N LEU A 85 20.61 -31.43 7.25
CA LEU A 85 19.73 -30.43 7.85
C LEU A 85 19.87 -29.04 7.25
N PRO A 86 18.85 -28.20 7.45
CA PRO A 86 18.91 -26.83 6.92
C PRO A 86 19.90 -26.11 7.83
N GLU A 87 20.39 -24.95 7.41
CA GLU A 87 21.34 -24.18 8.20
C GLU A 87 20.85 -23.88 9.62
N TRP A 88 19.60 -23.45 9.72
CA TRP A 88 19.01 -23.13 11.02
C TRP A 88 18.02 -24.22 11.40
N VAL A 89 18.05 -24.62 12.67
CA VAL A 89 17.16 -25.67 13.16
C VAL A 89 16.74 -25.41 14.60
N ARG A 90 15.94 -26.33 15.12
CA ARG A 90 15.48 -26.25 16.50
C ARG A 90 15.85 -27.63 17.06
N VAL A 91 16.19 -27.68 18.35
CA VAL A 91 16.55 -28.95 18.97
C VAL A 91 15.49 -29.26 20.02
N GLY A 92 15.24 -30.54 20.23
CA GLY A 92 14.25 -30.91 21.22
C GLY A 92 14.29 -32.37 21.62
N LEU A 93 13.34 -32.74 22.45
CA LEU A 93 13.19 -34.11 22.96
C LEU A 93 11.78 -34.55 22.59
N SER A 94 11.63 -35.81 22.19
CA SER A 94 10.33 -36.35 21.82
C SER A 94 10.15 -37.73 22.45
N ALA A 95 8.90 -38.18 22.57
CA ALA A 95 8.65 -39.48 23.17
C ALA A 95 7.23 -39.93 22.83
N SER A 96 6.98 -41.22 22.91
CA SER A 96 5.66 -41.72 22.61
C SER A 96 5.39 -43.05 23.27
N THR A 97 4.14 -43.49 23.16
CA THR A 97 3.66 -44.74 23.71
C THR A 97 2.59 -45.18 22.71
N GLY A 98 2.17 -46.43 22.78
CA GLY A 98 1.15 -46.91 21.86
C GLY A 98 0.23 -47.85 22.62
N LEU A 99 0.23 -49.13 22.24
CA LEU A 99 -0.61 -50.11 22.91
C LEU A 99 0.03 -50.30 24.28
N TYR A 100 1.36 -50.35 24.28
CA TYR A 100 2.13 -50.52 25.52
C TYR A 100 2.62 -49.14 25.91
N LYS A 101 2.89 -48.93 27.19
CA LYS A 101 3.36 -47.63 27.63
C LYS A 101 4.55 -47.62 28.57
N GLU A 102 4.88 -46.40 29.01
CA GLU A 102 5.99 -46.17 29.92
C GLU A 102 6.00 -44.67 30.19
N THR A 103 6.60 -44.27 31.30
CA THR A 103 6.67 -42.85 31.64
C THR A 103 7.87 -42.40 30.82
N ASN A 104 7.80 -41.19 30.27
CA ASN A 104 8.90 -40.65 29.47
C ASN A 104 9.26 -39.33 30.13
N THR A 105 9.75 -39.46 31.36
CA THR A 105 10.16 -38.35 32.20
C THR A 105 11.59 -37.86 31.98
N ILE A 106 11.71 -36.55 31.83
CA ILE A 106 13.01 -35.91 31.62
C ILE A 106 13.33 -35.09 32.88
N LEU A 107 14.41 -35.44 33.57
CA LEU A 107 14.78 -34.71 34.79
C LEU A 107 15.75 -33.55 34.55
N SER A 108 16.45 -33.58 33.42
CA SER A 108 17.40 -32.52 33.09
C SER A 108 17.74 -32.62 31.61
N TRP A 109 18.13 -31.48 31.02
CA TRP A 109 18.47 -31.42 29.61
C TRP A 109 19.39 -30.23 29.36
N SER A 110 20.56 -30.49 28.78
CA SER A 110 21.51 -29.42 28.49
C SER A 110 21.93 -29.53 27.02
N PHE A 111 22.33 -28.40 26.43
CA PHE A 111 22.75 -28.38 25.03
C PHE A 111 23.73 -27.25 24.79
N THR A 112 24.72 -27.50 23.93
CA THR A 112 25.72 -26.50 23.60
C THR A 112 26.10 -26.63 22.13
N SER A 113 26.07 -25.52 21.39
CA SER A 113 26.43 -25.56 19.98
C SER A 113 27.39 -24.41 19.74
N LYS A 114 28.41 -24.66 18.92
CA LYS A 114 29.42 -23.64 18.60
C LYS A 114 29.74 -23.60 17.11
N LEU A 115 29.92 -22.40 16.58
CA LEU A 115 30.24 -22.19 15.17
C LEU A 115 31.40 -21.23 15.05
N LYS A 116 32.48 -21.65 14.39
CA LYS A 116 33.65 -20.80 14.21
C LYS A 116 33.74 -20.27 12.78
N SER A 117 33.79 -18.95 12.65
CA SER A 117 33.89 -18.31 11.34
C SER A 117 35.18 -18.72 10.63
N ASN A 118 35.10 -18.87 9.31
CA ASN A 118 36.27 -19.26 8.51
C ASN A 118 37.03 -18.01 8.07
N SER A 119 36.38 -16.85 8.22
CA SER A 119 36.98 -15.58 7.84
C SER A 119 37.72 -14.89 8.98
N THR A 120 37.10 -14.83 10.15
CA THR A 120 37.73 -14.18 11.31
C THR A 120 38.07 -15.19 12.41
N HIS A 121 37.62 -16.43 12.23
CA HIS A 121 37.87 -17.48 13.21
C HIS A 121 37.24 -17.21 14.57
N GLU A 122 36.32 -16.26 14.62
CA GLU A 122 35.65 -15.94 15.88
C GLU A 122 34.51 -16.95 16.02
N THR A 123 34.01 -17.13 17.24
CA THR A 123 32.93 -18.09 17.45
C THR A 123 31.59 -17.57 17.95
N ASN A 124 30.52 -18.23 17.51
CA ASN A 124 29.15 -17.91 17.90
C ASN A 124 28.77 -19.15 18.69
N ALA A 125 28.07 -18.97 19.81
CA ALA A 125 27.69 -20.13 20.61
C ALA A 125 26.36 -19.98 21.32
N LEU A 126 25.77 -21.12 21.66
CA LEU A 126 24.49 -21.17 22.37
C LEU A 126 24.58 -22.30 23.36
N HIS A 127 24.11 -22.05 24.57
CA HIS A 127 24.13 -23.06 25.61
C HIS A 127 22.95 -22.88 26.54
N PHE A 128 22.28 -23.97 26.89
CA PHE A 128 21.16 -23.86 27.80
C PHE A 128 21.22 -25.10 28.68
N MET A 129 20.81 -24.93 29.93
CA MET A 129 20.82 -26.02 30.88
C MET A 129 19.55 -25.96 31.72
N PHE A 130 18.83 -27.08 31.72
CA PHE A 130 17.58 -27.20 32.47
C PHE A 130 17.78 -28.31 33.49
N ASN A 131 17.78 -27.95 34.77
CA ASN A 131 17.95 -28.96 35.81
C ASN A 131 16.66 -29.04 36.60
N GLN A 132 15.73 -28.17 36.22
CA GLN A 132 14.41 -28.07 36.82
C GLN A 132 13.48 -27.42 35.81
N PHE A 133 12.31 -28.00 35.61
CA PHE A 133 11.35 -27.48 34.67
C PHE A 133 10.17 -26.91 35.46
N SER A 134 9.66 -25.75 35.03
CA SER A 134 8.53 -25.12 35.72
C SER A 134 7.23 -25.25 34.93
N LYS A 135 6.11 -25.06 35.62
CA LYS A 135 4.80 -25.15 34.99
C LYS A 135 4.67 -24.31 33.74
N ASP A 136 5.29 -23.13 33.76
CA ASP A 136 5.23 -22.24 32.61
C ASP A 136 6.65 -21.93 32.15
N GLN A 137 7.27 -22.90 31.49
CA GLN A 137 8.64 -22.77 30.99
C GLN A 137 8.60 -22.06 29.63
N LYS A 138 8.63 -20.73 29.66
CA LYS A 138 8.58 -19.94 28.45
C LYS A 138 9.68 -20.12 27.39
N ASP A 139 10.82 -20.69 27.77
CA ASP A 139 11.86 -20.87 26.76
C ASP A 139 11.77 -22.26 26.11
N LEU A 140 10.62 -22.91 26.30
CA LEU A 140 10.37 -24.23 25.75
C LEU A 140 9.05 -24.22 25.00
N ILE A 141 9.02 -24.89 23.84
CA ILE A 141 7.83 -24.99 23.01
C ILE A 141 7.35 -26.42 23.25
N LEU A 142 6.19 -26.56 23.88
CA LEU A 142 5.65 -27.89 24.17
C LEU A 142 4.62 -28.29 23.11
N GLN A 143 4.72 -29.53 22.64
CA GLN A 143 3.80 -30.01 21.62
C GLN A 143 3.16 -31.32 22.06
N GLY A 144 1.95 -31.58 21.56
CA GLY A 144 1.27 -32.80 21.93
C GLY A 144 0.98 -32.88 23.42
N ASP A 145 1.22 -34.05 24.01
CA ASP A 145 0.98 -34.26 25.43
C ASP A 145 2.06 -33.81 26.43
N ALA A 146 3.14 -33.22 25.94
CA ALA A 146 4.21 -32.76 26.84
C ALA A 146 3.76 -31.70 27.85
N THR A 147 4.17 -31.88 29.11
CA THR A 147 3.83 -30.95 30.18
C THR A 147 5.04 -30.76 31.09
N THR A 148 5.06 -29.66 31.83
CA THR A 148 6.16 -29.36 32.74
C THR A 148 5.62 -28.88 34.08
N GLY A 149 6.41 -29.05 35.14
CA GLY A 149 5.96 -28.61 36.45
C GLY A 149 5.94 -29.65 37.57
N THR A 150 5.36 -30.81 37.30
CA THR A 150 5.30 -31.85 38.32
C THR A 150 6.68 -32.29 38.77
N ASP A 151 6.97 -32.06 40.05
CA ASP A 151 8.26 -32.43 40.61
C ASP A 151 9.42 -31.74 39.88
N GLY A 152 9.11 -30.66 39.17
CA GLY A 152 10.13 -29.95 38.45
C GLY A 152 10.64 -30.74 37.25
N ASN A 153 9.85 -31.71 36.79
CA ASN A 153 10.24 -32.52 35.65
C ASN A 153 9.42 -32.24 34.39
N LEU A 154 9.94 -32.74 33.28
CA LEU A 154 9.29 -32.57 31.99
C LEU A 154 8.72 -33.93 31.60
N GLU A 155 7.39 -34.04 31.56
CA GLU A 155 6.74 -35.30 31.20
C GLU A 155 6.39 -35.22 29.71
N LEU A 156 7.18 -35.90 28.88
CA LEU A 156 6.93 -35.88 27.45
C LEU A 156 5.59 -36.50 27.04
N THR A 157 5.19 -37.58 27.70
CA THR A 157 3.93 -38.23 27.38
C THR A 157 3.00 -38.22 28.61
N ARG A 158 1.72 -38.48 28.37
CA ARG A 158 0.71 -38.51 29.41
C ARG A 158 0.94 -39.46 30.59
N VAL A 159 0.75 -38.93 31.79
CA VAL A 159 0.91 -39.67 33.05
C VAL A 159 -0.16 -39.16 34.02
N SER A 160 -0.68 -40.05 34.86
CA SER A 160 -1.70 -39.66 35.83
C SER A 160 -1.10 -38.89 36.99
N SER A 161 -1.95 -38.42 37.90
CA SER A 161 -1.48 -37.67 39.06
C SER A 161 -0.59 -38.49 39.99
N ASN A 162 -0.73 -39.81 39.94
CA ASN A 162 0.07 -40.70 40.77
C ASN A 162 1.39 -41.08 40.10
N GLY A 163 1.44 -40.91 38.78
CA GLY A 163 2.66 -41.25 38.05
C GLY A 163 2.48 -42.41 37.09
N SER A 164 1.24 -42.80 36.83
CA SER A 164 0.96 -43.89 35.91
C SER A 164 0.90 -43.44 34.46
N PRO A 165 1.68 -44.09 33.58
CA PRO A 165 1.73 -43.75 32.15
C PRO A 165 0.52 -44.22 31.34
N GLN A 166 0.17 -43.46 30.31
CA GLN A 166 -0.96 -43.80 29.46
C GLN A 166 -0.49 -44.14 28.06
N GLY A 167 -1.26 -44.96 27.35
CA GLY A 167 -0.90 -45.35 26.00
C GLY A 167 -1.37 -44.34 24.96
N SER A 168 -1.07 -44.61 23.69
CA SER A 168 -1.46 -43.75 22.58
C SER A 168 -1.18 -42.29 22.90
N SER A 169 0.03 -42.02 23.39
CA SER A 169 0.42 -40.65 23.72
C SER A 169 1.68 -40.25 22.98
N VAL A 170 1.85 -38.94 22.75
CA VAL A 170 3.02 -38.43 22.06
C VAL A 170 3.21 -36.98 22.47
N GLY A 171 4.45 -36.60 22.74
CA GLY A 171 4.73 -35.23 23.14
C GLY A 171 6.17 -34.86 22.88
N ARG A 172 6.41 -33.58 22.67
CA ARG A 172 7.76 -33.08 22.41
C ARG A 172 7.98 -31.74 23.06
N ALA A 173 9.24 -31.40 23.28
CA ALA A 173 9.62 -30.13 23.89
C ALA A 173 10.80 -29.63 23.05
N LEU A 174 10.70 -28.42 22.53
CA LEU A 174 11.78 -27.85 21.71
C LEU A 174 12.30 -26.56 22.32
N PHE A 175 13.60 -26.33 22.24
CA PHE A 175 14.14 -25.09 22.79
C PHE A 175 13.57 -23.96 21.94
N TYR A 176 13.16 -22.89 22.61
CA TYR A 176 12.58 -21.75 21.91
C TYR A 176 13.42 -21.10 20.81
N ALA A 177 14.69 -20.86 21.09
CA ALA A 177 15.54 -20.23 20.08
C ALA A 177 16.09 -21.14 18.99
N PRO A 178 16.05 -20.68 17.73
CA PRO A 178 16.57 -21.48 16.62
C PRO A 178 18.08 -21.57 16.87
N VAL A 179 18.71 -22.61 16.34
CA VAL A 179 20.14 -22.83 16.50
C VAL A 179 20.83 -22.86 15.14
N HIS A 180 21.97 -22.18 15.02
CA HIS A 180 22.71 -22.17 13.75
C HIS A 180 23.60 -23.39 13.87
N ILE A 181 23.10 -24.52 13.38
CA ILE A 181 23.83 -25.78 13.44
C ILE A 181 25.05 -25.94 12.53
N TRP A 182 24.99 -25.37 11.34
CA TRP A 182 26.12 -25.46 10.41
C TRP A 182 26.21 -24.25 9.52
N GLU A 183 27.42 -23.92 9.10
CA GLU A 183 27.66 -22.78 8.23
C GLU A 183 28.83 -23.13 7.30
N SER A 184 28.58 -23.04 6.01
CA SER A 184 29.59 -23.35 5.01
C SER A 184 30.91 -22.61 5.22
N SER A 185 30.81 -21.35 5.61
CA SER A 185 32.00 -20.53 5.84
C SER A 185 32.46 -20.58 7.29
N ALA A 186 32.44 -21.77 7.89
CA ALA A 186 32.86 -21.96 9.27
C ALA A 186 33.98 -22.99 9.34
N VAL A 187 35.00 -22.71 10.14
CA VAL A 187 36.13 -23.62 10.29
C VAL A 187 35.76 -24.90 11.02
N VAL A 188 35.10 -24.75 12.16
CA VAL A 188 34.67 -25.89 12.96
C VAL A 188 33.28 -25.64 13.52
N ALA A 189 32.47 -26.70 13.57
CA ALA A 189 31.11 -26.61 14.08
C ALA A 189 30.91 -27.85 14.94
N SER A 190 30.24 -27.70 16.07
CA SER A 190 30.02 -28.86 16.93
C SER A 190 28.92 -28.62 17.93
N PHE A 191 28.39 -29.70 18.48
CA PHE A 191 27.34 -29.56 19.46
C PHE A 191 27.33 -30.80 20.34
N GLU A 192 26.69 -30.66 21.49
CA GLU A 192 26.61 -31.77 22.41
C GLU A 192 25.31 -31.56 23.18
N ALA A 193 24.71 -32.66 23.61
CA ALA A 193 23.46 -32.59 24.34
C ALA A 193 23.49 -33.68 25.39
N THR A 194 22.85 -33.41 26.51
CA THR A 194 22.81 -34.38 27.60
C THR A 194 21.46 -34.29 28.28
N PHE A 195 20.88 -35.43 28.62
CA PHE A 195 19.60 -35.40 29.29
C PHE A 195 19.48 -36.63 30.17
N THR A 196 18.83 -36.47 31.32
CA THR A 196 18.64 -37.58 32.22
C THR A 196 17.17 -37.93 32.09
N PHE A 197 16.87 -39.21 32.10
CA PHE A 197 15.51 -39.67 31.96
C PHE A 197 15.12 -40.78 32.94
N LEU A 198 13.81 -40.97 33.07
CA LEU A 198 13.27 -41.98 33.97
C LEU A 198 12.14 -42.67 33.24
N ILE A 199 12.42 -43.86 32.71
CA ILE A 199 11.44 -44.64 31.98
C ILE A 199 10.96 -45.76 32.90
N LYS A 200 9.71 -45.68 33.32
CA LYS A 200 9.13 -46.69 34.20
C LYS A 200 7.80 -47.16 33.62
N SER A 201 7.59 -48.47 33.63
CA SER A 201 6.36 -49.06 33.11
C SER A 201 5.88 -50.23 33.95
N PRO A 202 4.56 -50.39 34.10
CA PRO A 202 4.01 -51.48 34.89
C PRO A 202 3.91 -52.79 34.10
N ASP A 203 3.85 -52.70 32.78
CA ASP A 203 3.75 -53.89 31.95
C ASP A 203 5.10 -54.54 31.62
N SER A 204 5.03 -55.80 31.21
CA SER A 204 6.23 -56.57 30.87
C SER A 204 7.05 -55.93 29.76
N HIS A 205 6.38 -55.46 28.72
CA HIS A 205 7.05 -54.82 27.59
C HIS A 205 6.70 -53.35 27.46
N PRO A 206 7.59 -52.46 27.93
CA PRO A 206 7.33 -51.02 27.83
C PRO A 206 7.51 -50.52 26.40
N ALA A 207 6.98 -49.33 26.12
CA ALA A 207 7.06 -48.73 24.80
C ALA A 207 6.71 -47.25 24.95
N ASP A 208 7.11 -46.39 24.02
CA ASP A 208 7.86 -46.76 22.82
C ASP A 208 9.28 -46.19 22.77
N GLY A 209 9.58 -45.22 23.63
CA GLY A 209 10.92 -44.65 23.63
C GLY A 209 10.99 -43.14 23.74
N ILE A 210 12.22 -42.64 23.79
CA ILE A 210 12.51 -41.22 23.89
C ILE A 210 13.59 -40.91 22.87
N ALA A 211 13.60 -39.69 22.35
CA ALA A 211 14.60 -39.32 21.37
C ALA A 211 15.01 -37.85 21.46
N PHE A 212 16.27 -37.58 21.14
CA PHE A 212 16.77 -36.22 21.15
C PHE A 212 16.76 -35.97 19.64
N PHE A 213 16.24 -34.85 19.18
CA PHE A 213 16.19 -34.61 17.75
C PHE A 213 16.53 -33.18 17.34
N ILE A 214 16.87 -33.02 16.07
CA ILE A 214 17.22 -31.73 15.48
C ILE A 214 16.32 -31.68 14.25
N SER A 215 15.63 -30.57 14.06
CA SER A 215 14.73 -30.45 12.91
C SER A 215 14.63 -29.05 12.36
N ASN A 216 13.83 -28.91 11.30
CA ASN A 216 13.61 -27.62 10.68
C ASN A 216 12.96 -26.82 11.82
N ILE A 217 13.15 -25.51 11.85
CA ILE A 217 12.56 -24.71 12.92
C ILE A 217 11.05 -24.82 13.17
N ASP A 218 10.27 -24.92 12.10
CA ASP A 218 8.82 -25.01 12.21
C ASP A 218 8.29 -26.44 12.30
N SER A 219 9.12 -27.34 12.82
CA SER A 219 8.75 -28.75 12.96
C SER A 219 7.59 -28.97 13.94
N SER A 220 6.72 -29.91 13.60
CA SER A 220 5.57 -30.25 14.42
C SER A 220 5.41 -31.76 14.48
N ILE A 221 4.67 -32.24 15.48
CA ILE A 221 4.44 -33.66 15.62
C ILE A 221 3.65 -34.11 14.39
N PRO A 222 4.20 -35.05 13.61
CA PRO A 222 3.53 -35.54 12.40
C PRO A 222 2.18 -36.17 12.78
N SER A 223 1.16 -35.97 11.97
CA SER A 223 -0.15 -36.53 12.27
C SER A 223 -0.07 -38.05 12.48
N GLY A 224 -0.66 -38.51 13.58
CA GLY A 224 -0.68 -39.93 13.92
C GLY A 224 0.62 -40.61 14.32
N SER A 225 1.67 -39.82 14.54
CA SER A 225 2.98 -40.37 14.91
C SER A 225 3.18 -40.89 16.34
N THR A 226 2.19 -41.57 16.88
CA THR A 226 2.28 -42.12 18.22
C THR A 226 3.01 -43.46 18.08
N GLY A 227 3.15 -44.19 19.18
CA GLY A 227 3.82 -45.47 19.12
C GLY A 227 5.21 -45.56 18.52
N ARG A 228 5.41 -46.52 17.62
CA ARG A 228 6.68 -46.74 16.96
C ARG A 228 7.31 -45.57 16.19
N LEU A 229 6.52 -44.55 15.88
CA LEU A 229 7.07 -43.41 15.13
C LEU A 229 7.74 -42.34 16.00
N LEU A 230 7.68 -42.55 17.32
CA LEU A 230 8.28 -41.66 18.30
C LEU A 230 8.00 -40.16 18.17
N GLY A 231 6.89 -39.83 17.51
CA GLY A 231 6.54 -38.42 17.33
C GLY A 231 7.50 -37.67 16.41
N LEU A 232 8.30 -38.41 15.66
CA LEU A 232 9.27 -37.79 14.75
C LEU A 232 9.00 -37.95 13.26
N PHE A 233 8.45 -39.09 12.87
CA PHE A 233 8.18 -39.36 11.46
C PHE A 233 6.71 -39.60 11.09
N PRO A 234 6.34 -39.28 9.85
CA PRO A 234 4.98 -39.46 9.34
C PRO A 234 4.67 -40.91 9.01
N ASP A 235 5.70 -41.67 8.69
CA ASP A 235 5.53 -43.08 8.35
C ASP A 235 6.80 -43.87 8.67
N ALA A 236 6.78 -45.17 8.35
CA ALA A 236 7.93 -46.02 8.61
C ALA A 236 8.83 -46.26 7.40
N ASN A 237 8.83 -45.33 6.45
CA ASN A 237 9.66 -45.48 5.27
C ASN A 237 11.14 -45.20 5.57
N ALA B 1 -29.07 7.02 -44.26
CA ALA B 1 -29.18 6.70 -42.81
C ALA B 1 -27.96 7.26 -42.08
N ASP B 2 -27.91 7.07 -40.77
CA ASP B 2 -26.80 7.57 -39.97
C ASP B 2 -25.56 6.74 -40.23
N THR B 3 -24.43 7.21 -39.72
CA THR B 3 -23.15 6.52 -39.84
C THR B 3 -22.87 6.14 -38.41
N ILE B 4 -22.75 4.84 -38.14
CA ILE B 4 -22.50 4.36 -36.79
C ILE B 4 -21.29 3.46 -36.57
N VAL B 5 -20.56 3.75 -35.50
CA VAL B 5 -19.38 2.99 -35.09
C VAL B 5 -19.75 2.71 -33.64
N ALA B 6 -19.72 1.45 -33.23
CA ALA B 6 -20.08 1.14 -31.86
C ALA B 6 -19.44 -0.11 -31.27
N VAL B 7 -19.52 -0.20 -29.95
CA VAL B 7 -19.00 -1.32 -29.19
C VAL B 7 -20.28 -1.83 -28.53
N GLU B 8 -20.67 -3.06 -28.84
CA GLU B 8 -21.89 -3.62 -28.26
C GLU B 8 -21.69 -4.66 -27.18
N LEU B 9 -22.56 -4.61 -26.17
CA LEU B 9 -22.56 -5.52 -25.04
C LEU B 9 -23.87 -6.24 -25.37
N ASP B 10 -23.76 -7.21 -26.27
CA ASP B 10 -24.88 -8.01 -26.74
C ASP B 10 -25.24 -9.15 -25.79
N THR B 11 -26.37 -9.03 -25.10
CA THR B 11 -26.80 -10.05 -24.15
C THR B 11 -27.63 -11.20 -24.74
N TYR B 12 -28.21 -10.99 -25.92
CA TYR B 12 -29.03 -12.03 -26.54
C TYR B 12 -28.53 -12.51 -27.89
N PRO B 13 -28.17 -13.79 -28.00
CA PRO B 13 -27.68 -14.23 -29.32
C PRO B 13 -28.72 -14.40 -30.43
N ASN B 14 -28.51 -13.68 -31.54
CA ASN B 14 -29.41 -13.73 -32.71
C ASN B 14 -28.52 -14.36 -33.79
N THR B 15 -28.39 -15.68 -33.73
CA THR B 15 -27.58 -16.41 -34.68
C THR B 15 -27.97 -16.25 -36.14
N ASP B 16 -29.22 -15.92 -36.40
CA ASP B 16 -29.67 -15.75 -37.77
C ASP B 16 -29.07 -14.50 -38.41
N ILE B 17 -28.51 -13.60 -37.59
CA ILE B 17 -27.91 -12.39 -38.13
C ILE B 17 -26.40 -12.30 -37.84
N GLY B 18 -25.76 -13.45 -37.63
CA GLY B 18 -24.33 -13.43 -37.35
C GLY B 18 -23.84 -13.52 -35.92
N ASP B 19 -24.71 -13.35 -34.94
CA ASP B 19 -24.27 -13.43 -33.54
C ASP B 19 -23.75 -14.81 -33.18
N PRO B 20 -22.74 -14.88 -32.30
CA PRO B 20 -22.24 -16.19 -31.91
C PRO B 20 -23.32 -16.77 -30.99
N SER B 21 -23.25 -18.06 -30.70
CA SER B 21 -24.25 -18.68 -29.83
C SER B 21 -24.08 -18.40 -28.33
N TYR B 22 -23.78 -17.16 -27.98
CA TYR B 22 -23.59 -16.80 -26.58
C TYR B 22 -23.48 -15.29 -26.41
N PRO B 23 -23.77 -14.76 -25.21
CA PRO B 23 -23.66 -13.31 -25.00
C PRO B 23 -22.25 -12.95 -25.42
N HIS B 24 -22.07 -11.74 -25.94
CA HIS B 24 -20.75 -11.32 -26.37
C HIS B 24 -20.64 -9.82 -26.48
N ILE B 25 -19.41 -9.36 -26.70
CA ILE B 25 -19.12 -7.95 -26.85
C ILE B 25 -18.60 -7.90 -28.28
N GLY B 26 -18.90 -6.83 -28.99
CA GLY B 26 -18.45 -6.75 -30.36
C GLY B 26 -18.20 -5.34 -30.84
N ILE B 27 -17.50 -5.26 -31.96
CA ILE B 27 -17.18 -3.98 -32.57
C ILE B 27 -18.00 -3.90 -33.84
N ASP B 28 -18.87 -2.90 -33.88
CA ASP B 28 -19.74 -2.70 -35.04
C ASP B 28 -19.33 -1.50 -35.86
N ILE B 29 -19.09 -1.74 -37.15
CA ILE B 29 -18.69 -0.67 -38.05
C ILE B 29 -19.74 -0.56 -39.15
N LYS B 30 -20.67 0.37 -38.99
CA LYS B 30 -21.73 0.61 -39.95
C LYS B 30 -22.64 -0.60 -40.21
N SER B 31 -22.71 -1.48 -39.23
CA SER B 31 -23.54 -2.67 -39.35
C SER B 31 -23.70 -3.35 -38.00
N VAL B 32 -24.89 -3.90 -37.75
CA VAL B 32 -25.15 -4.57 -36.48
C VAL B 32 -24.41 -5.91 -36.46
N ARG B 33 -23.97 -6.35 -37.64
CA ARG B 33 -23.24 -7.62 -37.74
C ARG B 33 -21.78 -7.28 -37.45
N SER B 34 -21.39 -7.43 -36.19
CA SER B 34 -20.03 -7.13 -35.72
C SER B 34 -18.90 -7.63 -36.60
N LYS B 35 -17.85 -6.81 -36.71
CA LYS B 35 -16.69 -7.17 -37.52
C LYS B 35 -15.82 -8.10 -36.68
N LYS B 36 -15.99 -8.05 -35.37
CA LYS B 36 -15.23 -8.88 -34.45
C LYS B 36 -15.99 -9.00 -33.13
N THR B 37 -15.99 -10.20 -32.55
CA THR B 37 -16.68 -10.41 -31.29
C THR B 37 -15.84 -11.25 -30.34
N ALA B 38 -16.28 -11.33 -29.09
CA ALA B 38 -15.60 -12.10 -28.05
C ALA B 38 -16.63 -12.55 -27.02
N LYS B 39 -16.47 -13.77 -26.54
CA LYS B 39 -17.37 -14.33 -25.55
C LYS B 39 -17.44 -13.47 -24.29
N TRP B 40 -18.66 -13.16 -23.87
CA TRP B 40 -18.88 -12.34 -22.68
C TRP B 40 -19.78 -13.05 -21.66
N ASN B 41 -19.25 -13.23 -20.46
CA ASN B 41 -20.01 -13.90 -19.40
C ASN B 41 -20.76 -12.82 -18.61
N MET B 42 -21.91 -12.41 -19.13
CA MET B 42 -22.72 -11.39 -18.48
C MET B 42 -23.29 -11.94 -17.18
N GLN B 43 -23.26 -11.12 -16.13
CA GLN B 43 -23.78 -11.52 -14.82
C GLN B 43 -25.04 -10.74 -14.47
N ASN B 44 -26.17 -11.41 -14.55
CA ASN B 44 -27.46 -10.81 -14.25
C ASN B 44 -27.53 -10.22 -12.84
N GLY B 45 -27.82 -8.92 -12.78
CA GLY B 45 -27.92 -8.25 -11.49
C GLY B 45 -26.63 -7.69 -10.89
N LYS B 46 -25.53 -7.81 -11.62
CA LYS B 46 -24.24 -7.30 -11.11
C LYS B 46 -23.78 -6.07 -11.88
N VAL B 47 -23.14 -5.13 -11.17
CA VAL B 47 -22.64 -3.92 -11.80
C VAL B 47 -21.32 -4.22 -12.51
N GLY B 48 -21.30 -3.98 -13.82
CA GLY B 48 -20.09 -4.23 -14.59
C GLY B 48 -19.47 -2.95 -15.12
N THR B 49 -18.30 -3.07 -15.73
CA THR B 49 -17.59 -1.92 -16.28
C THR B 49 -17.12 -2.18 -17.71
N ALA B 50 -17.22 -1.15 -18.56
CA ALA B 50 -16.78 -1.28 -19.96
C ALA B 50 -15.81 -0.14 -20.25
N HIS B 51 -14.70 -0.48 -20.89
CA HIS B 51 -13.69 0.51 -21.24
C HIS B 51 -13.41 0.39 -22.73
N ILE B 52 -13.51 1.51 -23.44
CA ILE B 52 -13.28 1.54 -24.87
C ILE B 52 -12.13 2.51 -25.15
N ILE B 53 -11.24 2.13 -26.05
CA ILE B 53 -10.11 3.00 -26.39
C ILE B 53 -9.75 2.95 -27.86
N TYR B 54 -9.26 4.08 -28.37
CA TYR B 54 -8.87 4.18 -29.76
C TYR B 54 -7.78 5.23 -29.90
N ASN B 55 -6.81 4.99 -30.78
CA ASN B 55 -5.74 5.96 -30.99
C ASN B 55 -5.33 5.88 -32.45
N SER B 56 -5.06 7.04 -33.04
CA SER B 56 -4.67 7.13 -34.45
C SER B 56 -3.30 6.58 -34.79
N VAL B 57 -2.52 6.18 -33.79
CA VAL B 57 -1.20 5.64 -34.08
C VAL B 57 -1.34 4.19 -34.55
N ASP B 58 -2.12 3.42 -33.81
CA ASP B 58 -2.34 2.02 -34.17
C ASP B 58 -3.60 1.84 -34.99
N LYS B 59 -4.50 2.82 -34.89
CA LYS B 59 -5.77 2.77 -35.62
C LYS B 59 -6.42 1.45 -35.28
N ARG B 60 -6.58 1.23 -33.98
CA ARG B 60 -7.19 0.02 -33.48
C ARG B 60 -8.22 0.36 -32.41
N LEU B 61 -9.44 -0.14 -32.58
CA LEU B 61 -10.52 0.11 -31.64
C LEU B 61 -10.62 -1.11 -30.73
N SER B 62 -10.41 -0.90 -29.43
CA SER B 62 -10.47 -1.98 -28.46
C SER B 62 -11.45 -1.72 -27.33
N ALA B 63 -11.96 -2.80 -26.74
CA ALA B 63 -12.90 -2.70 -25.64
C ALA B 63 -12.70 -3.86 -24.68
N VAL B 64 -12.91 -3.57 -23.41
CA VAL B 64 -12.77 -4.57 -22.35
C VAL B 64 -13.96 -4.40 -21.43
N VAL B 65 -14.64 -5.50 -21.13
CA VAL B 65 -15.80 -5.47 -20.26
C VAL B 65 -15.55 -6.47 -19.16
N SER B 66 -15.86 -6.09 -17.92
CA SER B 66 -15.64 -7.01 -16.82
C SER B 66 -16.42 -6.71 -15.56
N TYR B 67 -16.39 -7.69 -14.65
CA TYR B 67 -17.06 -7.61 -13.37
C TYR B 67 -15.97 -7.83 -12.34
N PRO B 68 -16.10 -7.21 -11.15
CA PRO B 68 -15.09 -7.38 -10.11
C PRO B 68 -14.88 -8.85 -9.78
N ASN B 69 -13.62 -9.23 -9.55
CA ASN B 69 -13.26 -10.61 -9.22
C ASN B 69 -13.73 -11.64 -10.24
N ALA B 70 -13.47 -11.36 -11.52
CA ALA B 70 -13.85 -12.25 -12.60
C ALA B 70 -13.00 -11.92 -13.82
N ASP B 71 -12.81 -12.90 -14.71
CA ASP B 71 -12.01 -12.67 -15.91
C ASP B 71 -12.77 -11.69 -16.80
N SER B 72 -12.04 -10.84 -17.50
CA SER B 72 -12.68 -9.87 -18.38
C SER B 72 -12.73 -10.38 -19.82
N ALA B 73 -13.54 -9.70 -20.64
CA ALA B 73 -13.69 -10.05 -22.03
C ALA B 73 -13.12 -8.88 -22.82
N THR B 74 -12.35 -9.18 -23.87
CA THR B 74 -11.76 -8.13 -24.68
C THR B 74 -11.90 -8.38 -26.16
N VAL B 75 -12.05 -7.29 -26.92
CA VAL B 75 -12.20 -7.38 -28.36
C VAL B 75 -11.46 -6.19 -28.98
N SER B 76 -10.72 -6.44 -30.05
CA SER B 76 -9.97 -5.38 -30.73
C SER B 76 -10.15 -5.54 -32.22
N TYR B 77 -10.22 -4.42 -32.94
CA TYR B 77 -10.41 -4.46 -34.37
C TYR B 77 -9.68 -3.31 -35.05
N ASP B 78 -8.99 -3.62 -36.14
CA ASP B 78 -8.24 -2.63 -36.90
C ASP B 78 -9.21 -1.81 -37.73
N VAL B 79 -9.16 -0.49 -37.58
CA VAL B 79 -10.05 0.39 -38.34
C VAL B 79 -9.57 1.84 -38.33
N ASP B 80 -9.64 2.47 -39.50
CA ASP B 80 -9.23 3.86 -39.64
C ASP B 80 -10.50 4.70 -39.60
N LEU B 81 -10.81 5.23 -38.43
CA LEU B 81 -12.01 6.04 -38.26
C LEU B 81 -12.11 7.24 -39.21
N ASP B 82 -10.98 7.67 -39.73
CA ASP B 82 -10.95 8.81 -40.65
C ASP B 82 -11.68 8.48 -41.95
N ASN B 83 -11.76 7.19 -42.25
CA ASN B 83 -12.43 6.71 -43.46
C ASN B 83 -13.82 6.15 -43.20
N VAL B 84 -14.30 6.22 -41.96
CA VAL B 84 -15.61 5.71 -41.62
C VAL B 84 -16.57 6.77 -41.08
N LEU B 85 -16.09 7.58 -40.15
CA LEU B 85 -16.91 8.63 -39.55
C LEU B 85 -16.67 10.04 -40.11
N PRO B 86 -17.65 10.93 -39.95
CA PRO B 86 -17.46 12.30 -40.45
C PRO B 86 -16.47 12.94 -39.48
N GLU B 87 -15.92 14.09 -39.84
CA GLU B 87 -14.96 14.76 -38.99
C GLU B 87 -15.52 15.07 -37.59
N TRP B 88 -16.76 15.55 -37.54
CA TRP B 88 -17.42 15.90 -36.28
C TRP B 88 -18.52 14.88 -36.00
N VAL B 89 -18.61 14.45 -34.75
CA VAL B 89 -19.60 13.46 -34.33
C VAL B 89 -20.12 13.75 -32.94
N ARG B 90 -21.00 12.86 -32.48
CA ARG B 90 -21.57 12.97 -31.16
C ARG B 90 -21.36 11.56 -30.63
N VAL B 91 -21.18 11.44 -29.31
CA VAL B 91 -20.98 10.13 -28.72
C VAL B 91 -22.15 9.84 -27.78
N GLY B 92 -22.45 8.57 -27.58
CA GLY B 92 -23.56 8.24 -26.69
C GLY B 92 -23.64 6.78 -26.31
N LEU B 93 -24.73 6.46 -25.60
CA LEU B 93 -24.99 5.10 -25.14
C LEU B 93 -26.39 4.75 -25.65
N SER B 94 -26.57 3.51 -26.06
CA SER B 94 -27.86 3.04 -26.56
C SER B 94 -28.19 1.69 -25.96
N ALA B 95 -29.47 1.32 -25.95
CA ALA B 95 -29.86 0.03 -25.41
C ALA B 95 -31.27 -0.29 -25.89
N SER B 96 -31.61 -1.57 -25.86
CA SER B 96 -32.94 -1.97 -26.30
C SER B 96 -33.35 -3.31 -25.70
N THR B 97 -34.62 -3.65 -25.92
CA THR B 97 -35.20 -4.90 -25.45
C THR B 97 -36.18 -5.25 -26.57
N GLY B 98 -36.57 -6.52 -26.64
CA GLY B 98 -37.50 -6.96 -27.68
C GLY B 98 -38.55 -7.81 -27.01
N LEU B 99 -38.57 -9.10 -27.35
CA LEU B 99 -39.54 -10.02 -26.75
C LEU B 99 -39.07 -10.23 -25.31
N TYR B 100 -37.76 -10.37 -25.16
CA TYR B 100 -37.17 -10.56 -23.84
C TYR B 100 -36.66 -9.20 -23.39
N LYS B 101 -36.51 -9.02 -22.08
CA LYS B 101 -36.05 -7.74 -21.58
C LYS B 101 -34.99 -7.79 -20.49
N GLU B 102 -34.55 -6.61 -20.09
CA GLU B 102 -33.53 -6.45 -19.06
C GLU B 102 -33.47 -4.96 -18.75
N THR B 103 -32.95 -4.61 -17.58
CA THR B 103 -32.85 -3.20 -17.23
C THR B 103 -31.54 -2.83 -17.91
N ASN B 104 -31.44 -1.62 -18.44
CA ASN B 104 -30.23 -1.18 -19.10
C ASN B 104 -29.83 0.11 -18.40
N THR B 105 -29.49 -0.05 -17.13
CA THR B 105 -29.09 1.03 -16.24
C THR B 105 -27.61 1.43 -16.31
N ILE B 106 -27.38 2.72 -16.47
CA ILE B 106 -26.02 3.24 -16.54
C ILE B 106 -25.79 4.03 -15.25
N LEU B 107 -24.77 3.63 -14.50
CA LEU B 107 -24.45 4.28 -13.24
C LEU B 107 -23.39 5.38 -13.36
N SER B 108 -22.60 5.33 -14.42
CA SER B 108 -21.57 6.34 -14.63
C SER B 108 -21.08 6.27 -16.07
N TRP B 109 -20.56 7.37 -16.57
CA TRP B 109 -20.06 7.41 -17.94
C TRP B 109 -19.05 8.56 -18.10
N SER B 110 -17.89 8.25 -18.64
CA SER B 110 -16.85 9.27 -18.85
C SER B 110 -16.30 9.11 -20.26
N PHE B 111 -15.77 10.21 -20.80
CA PHE B 111 -15.22 10.21 -22.13
C PHE B 111 -14.16 11.29 -22.27
N THR B 112 -13.11 10.99 -23.04
CA THR B 112 -12.03 11.93 -23.25
C THR B 112 -11.56 11.78 -24.68
N SER B 113 -11.40 12.90 -25.39
CA SER B 113 -10.95 12.87 -26.78
C SER B 113 -9.87 13.93 -26.91
N LYS B 114 -8.81 13.62 -27.66
CA LYS B 114 -7.71 14.56 -27.85
C LYS B 114 -7.27 14.61 -29.31
N LEU B 115 -6.94 15.81 -29.78
CA LEU B 115 -6.48 16.03 -31.16
C LEU B 115 -5.25 16.91 -31.13
N LYS B 116 -4.14 16.42 -31.67
CA LYS B 116 -2.90 17.20 -31.68
C LYS B 116 -2.59 17.73 -33.08
N SER B 117 -2.42 19.04 -33.19
CA SER B 117 -2.11 19.69 -34.46
C SER B 117 -0.77 19.24 -35.03
N ASN B 118 -0.70 19.18 -36.36
CA ASN B 118 0.52 18.76 -37.05
C ASN B 118 1.43 19.95 -37.35
N SER B 119 0.85 21.16 -37.35
CA SER B 119 1.62 22.36 -37.63
C SER B 119 2.09 23.12 -36.39
N THR B 120 1.40 22.91 -35.27
CA THR B 120 1.77 23.59 -34.03
C THR B 120 2.02 22.58 -32.91
N HIS B 121 1.56 21.35 -33.13
CA HIS B 121 1.73 20.29 -32.16
C HIS B 121 0.99 20.63 -30.86
N GLU B 122 0.01 21.51 -30.98
CA GLU B 122 -0.80 21.93 -29.84
C GLU B 122 -2.00 20.99 -29.89
N THR B 123 -2.58 20.70 -28.73
CA THR B 123 -3.72 19.80 -28.72
C THR B 123 -5.04 20.39 -28.23
N ASN B 124 -6.13 19.87 -28.79
CA ASN B 124 -7.48 20.28 -28.45
C ASN B 124 -8.02 19.07 -27.70
N ALA B 125 -8.80 19.30 -26.64
CA ALA B 125 -9.32 18.17 -25.90
C ALA B 125 -10.69 18.40 -25.30
N LEU B 126 -11.37 17.28 -25.03
CA LEU B 126 -12.71 17.32 -24.44
C LEU B 126 -12.80 16.18 -23.46
N HIS B 127 -13.34 16.46 -22.28
CA HIS B 127 -13.49 15.42 -21.27
C HIS B 127 -14.75 15.69 -20.45
N PHE B 128 -15.51 14.63 -20.18
CA PHE B 128 -16.71 14.79 -19.38
C PHE B 128 -16.83 13.54 -18.54
N MET B 129 -17.35 13.71 -17.33
CA MET B 129 -17.53 12.58 -16.41
C MET B 129 -18.83 12.72 -15.66
N PHE B 130 -19.65 11.67 -15.74
CA PHE B 130 -20.95 11.63 -15.08
C PHE B 130 -20.92 10.49 -14.08
N ASN B 131 -21.04 10.80 -12.80
CA ASN B 131 -21.06 9.76 -11.78
C ASN B 131 -22.45 9.78 -11.16
N GLN B 132 -23.19 10.82 -11.50
CA GLN B 132 -24.55 11.04 -11.04
C GLN B 132 -25.33 11.71 -12.16
N PHE B 133 -26.52 11.19 -12.45
CA PHE B 133 -27.36 11.75 -13.49
C PHE B 133 -28.56 12.41 -12.81
N SER B 134 -28.86 13.65 -13.19
CA SER B 134 -29.99 14.36 -12.60
C SER B 134 -31.24 14.30 -13.46
N LYS B 135 -32.39 14.51 -12.84
CA LYS B 135 -33.68 14.48 -13.53
C LYS B 135 -33.72 15.36 -14.77
N ASP B 136 -32.96 16.45 -14.76
CA ASP B 136 -32.94 17.37 -15.90
C ASP B 136 -31.48 17.64 -16.27
N GLN B 137 -30.82 16.64 -16.85
CA GLN B 137 -29.43 16.72 -17.26
C GLN B 137 -29.32 17.44 -18.61
N LYS B 138 -29.16 18.76 -18.56
CA LYS B 138 -29.06 19.58 -19.76
C LYS B 138 -27.89 19.33 -20.72
N ASP B 139 -26.85 18.63 -20.26
CA ASP B 139 -25.71 18.37 -21.15
C ASP B 139 -25.86 16.99 -21.79
N LEU B 140 -27.06 16.44 -21.74
CA LEU B 140 -27.34 15.13 -22.32
C LEU B 140 -28.60 15.23 -23.19
N ILE B 141 -28.57 14.55 -24.32
CA ILE B 141 -29.71 14.54 -25.24
C ILE B 141 -30.29 13.15 -25.09
N LEU B 142 -31.47 13.07 -24.49
CA LEU B 142 -32.14 11.78 -24.29
C LEU B 142 -33.07 11.50 -25.46
N GLN B 143 -33.03 10.28 -25.98
CA GLN B 143 -33.89 9.92 -27.11
C GLN B 143 -34.66 8.64 -26.78
N GLY B 144 -35.85 8.51 -27.37
CA GLY B 144 -36.65 7.32 -27.12
C GLY B 144 -37.12 7.20 -25.69
N ASP B 145 -36.98 6.01 -25.12
CA ASP B 145 -37.40 5.75 -23.74
C ASP B 145 -36.38 6.09 -22.64
N ALA B 146 -35.24 6.66 -23.00
CA ALA B 146 -34.23 6.99 -22.00
C ALA B 146 -34.67 8.06 -21.00
N THR B 147 -34.33 7.86 -19.74
CA THR B 147 -34.68 8.78 -18.66
C THR B 147 -33.55 8.85 -17.64
N THR B 148 -33.50 9.94 -16.87
CA THR B 148 -32.48 10.12 -15.84
C THR B 148 -33.14 10.64 -14.57
N GLY B 149 -32.45 10.55 -13.44
CA GLY B 149 -33.01 11.02 -12.18
C GLY B 149 -33.25 9.97 -11.11
N THR B 150 -33.78 8.82 -11.52
CA THR B 150 -34.05 7.76 -10.56
C THR B 150 -32.75 7.24 -9.95
N ASP B 151 -32.54 7.54 -8.67
CA ASP B 151 -31.33 7.10 -7.97
C ASP B 151 -30.07 7.66 -8.60
N GLY B 152 -30.20 8.79 -9.29
CA GLY B 152 -29.04 9.40 -9.93
C GLY B 152 -28.50 8.58 -11.09
N ASN B 153 -29.30 7.66 -11.62
CA ASN B 153 -28.86 6.83 -12.72
C ASN B 153 -29.54 7.18 -14.03
N LEU B 154 -29.02 6.59 -15.10
CA LEU B 154 -29.53 6.79 -16.44
C LEU B 154 -30.15 5.47 -16.88
N GLU B 155 -31.45 5.47 -17.14
CA GLU B 155 -32.13 4.26 -17.57
C GLU B 155 -32.35 4.37 -19.08
N LEU B 156 -31.57 3.62 -19.86
CA LEU B 156 -31.70 3.66 -21.31
C LEU B 156 -33.02 3.11 -21.83
N THR B 157 -33.56 2.09 -21.17
CA THR B 157 -34.83 1.54 -21.61
C THR B 157 -35.91 1.65 -20.53
N ARG B 158 -37.15 1.59 -20.98
CA ARG B 158 -38.31 1.70 -20.10
C ARG B 158 -38.39 0.68 -18.95
N VAL B 159 -38.70 1.17 -17.77
CA VAL B 159 -38.83 0.36 -16.57
C VAL B 159 -40.16 0.80 -15.95
N SER B 160 -40.99 -0.16 -15.55
CA SER B 160 -42.29 0.17 -14.96
C SER B 160 -42.16 0.71 -13.53
N SER B 161 -43.24 1.28 -13.03
CA SER B 161 -43.28 1.86 -11.68
C SER B 161 -42.88 0.82 -10.62
N ASN B 162 -43.16 -0.45 -10.89
CA ASN B 162 -42.82 -1.51 -9.94
C ASN B 162 -41.36 -1.93 -10.10
N GLY B 163 -40.64 -1.24 -10.98
CA GLY B 163 -39.25 -1.55 -11.20
C GLY B 163 -38.93 -2.64 -12.22
N SER B 164 -39.96 -3.17 -12.88
CA SER B 164 -39.73 -4.22 -13.86
C SER B 164 -39.41 -3.66 -15.24
N PRO B 165 -38.41 -4.24 -15.92
CA PRO B 165 -38.00 -3.79 -17.26
C PRO B 165 -39.03 -4.23 -18.30
N GLN B 166 -39.33 -3.36 -19.26
CA GLN B 166 -40.32 -3.67 -20.29
C GLN B 166 -39.70 -4.08 -21.62
N GLY B 167 -40.44 -4.87 -22.39
CA GLY B 167 -39.95 -5.33 -23.68
C GLY B 167 -40.23 -4.27 -24.73
N SER B 168 -39.78 -4.51 -25.96
CA SER B 168 -39.97 -3.58 -27.06
C SER B 168 -39.65 -2.13 -26.72
N SER B 169 -38.54 -1.92 -26.02
CA SER B 169 -38.13 -0.57 -25.65
C SER B 169 -36.78 -0.22 -26.26
N VAL B 170 -36.54 1.06 -26.49
CA VAL B 170 -35.27 1.52 -27.07
C VAL B 170 -35.03 2.94 -26.57
N GLY B 171 -33.79 3.25 -26.22
CA GLY B 171 -33.48 4.58 -25.73
C GLY B 171 -31.99 4.87 -25.83
N ARG B 172 -31.64 6.14 -25.94
CA ARG B 172 -30.23 6.52 -26.04
C ARG B 172 -29.97 7.84 -25.34
N ALA B 173 -28.70 8.11 -25.09
CA ALA B 173 -28.29 9.34 -24.43
C ALA B 173 -27.01 9.79 -25.14
N LEU B 174 -27.00 11.01 -25.65
CA LEU B 174 -25.82 11.52 -26.34
C LEU B 174 -25.28 12.76 -25.63
N PHE B 175 -23.96 12.94 -25.62
CA PHE B 175 -23.42 14.11 -24.97
C PHE B 175 -23.80 15.29 -25.86
N TYR B 176 -24.21 16.39 -25.23
CA TYR B 176 -24.63 17.58 -25.97
C TYR B 176 -23.65 18.16 -26.99
N ALA B 177 -22.40 18.34 -26.58
CA ALA B 177 -21.38 18.90 -27.46
C ALA B 177 -20.83 17.98 -28.55
N PRO B 178 -20.75 18.47 -29.79
CA PRO B 178 -20.21 17.65 -30.87
C PRO B 178 -18.74 17.42 -30.53
N VAL B 179 -18.17 16.32 -31.02
CA VAL B 179 -16.78 15.98 -30.75
C VAL B 179 -15.99 15.91 -32.06
N HIS B 180 -14.81 16.51 -32.08
CA HIS B 180 -13.96 16.51 -33.27
C HIS B 180 -13.14 15.23 -33.10
N ILE B 181 -13.66 14.14 -33.67
CA ILE B 181 -13.04 12.83 -33.61
C ILE B 181 -11.75 12.60 -34.39
N TRP B 182 -11.61 13.27 -35.54
CA TRP B 182 -10.41 13.12 -36.34
C TRP B 182 -10.19 14.37 -37.19
N GLU B 183 -8.94 14.62 -37.53
CA GLU B 183 -8.60 15.78 -38.34
C GLU B 183 -7.33 15.46 -39.11
N SER B 184 -7.45 15.40 -40.43
CA SER B 184 -6.34 15.10 -41.32
C SER B 184 -5.04 15.79 -40.91
N SER B 185 -5.14 17.06 -40.52
CA SER B 185 -3.98 17.84 -40.12
C SER B 185 -3.51 17.63 -38.67
N ALA B 186 -3.87 16.48 -38.09
CA ALA B 186 -3.48 16.18 -36.72
C ALA B 186 -2.45 15.05 -36.64
N VAL B 187 -1.43 15.23 -35.81
CA VAL B 187 -0.36 14.23 -35.66
C VAL B 187 -0.86 13.01 -34.89
N VAL B 188 -1.66 13.26 -33.85
CA VAL B 188 -2.19 12.19 -33.05
C VAL B 188 -3.62 12.51 -32.61
N ALA B 189 -4.48 11.51 -32.69
CA ALA B 189 -5.88 11.63 -32.32
C ALA B 189 -6.20 10.41 -31.48
N SER B 190 -6.98 10.59 -30.41
CA SER B 190 -7.31 9.47 -29.57
C SER B 190 -8.51 9.75 -28.68
N PHE B 191 -9.13 8.69 -28.19
CA PHE B 191 -10.28 8.86 -27.31
C PHE B 191 -10.48 7.60 -26.50
N GLU B 192 -11.13 7.76 -25.35
CA GLU B 192 -11.39 6.64 -24.48
C GLU B 192 -12.74 6.91 -23.83
N ALA B 193 -13.46 5.85 -23.51
CA ALA B 193 -14.76 6.01 -22.88
C ALA B 193 -14.88 4.90 -21.87
N THR B 194 -15.59 5.18 -20.77
CA THR B 194 -15.78 4.20 -19.71
C THR B 194 -17.18 4.38 -19.15
N PHE B 195 -17.83 3.28 -18.80
CA PHE B 195 -19.16 3.38 -18.23
C PHE B 195 -19.45 2.14 -17.41
N THR B 196 -20.21 2.33 -16.33
CA THR B 196 -20.58 1.21 -15.45
C THR B 196 -22.04 0.98 -15.74
N PHE B 197 -22.44 -0.28 -15.74
CA PHE B 197 -23.81 -0.64 -16.02
C PHE B 197 -24.35 -1.73 -15.11
N LEU B 198 -25.67 -1.85 -15.08
CA LEU B 198 -26.33 -2.86 -14.26
C LEU B 198 -27.45 -3.46 -15.11
N ILE B 199 -27.22 -4.67 -15.62
CA ILE B 199 -28.21 -5.36 -16.44
C ILE B 199 -28.86 -6.44 -15.59
N LYS B 200 -30.16 -6.28 -15.36
CA LYS B 200 -30.92 -7.24 -14.55
C LYS B 200 -32.20 -7.66 -15.28
N SER B 201 -32.52 -8.95 -15.21
CA SER B 201 -33.72 -9.46 -15.88
C SER B 201 -34.30 -10.69 -15.20
N PRO B 202 -35.63 -10.81 -15.18
CA PRO B 202 -36.30 -11.97 -14.56
C PRO B 202 -36.27 -13.13 -15.54
N ASP B 203 -36.16 -12.80 -16.83
CA ASP B 203 -36.12 -13.79 -17.91
C ASP B 203 -34.94 -14.75 -17.79
N SER B 204 -35.06 -15.89 -18.47
CA SER B 204 -34.01 -16.90 -18.45
C SER B 204 -33.01 -16.52 -19.53
N HIS B 205 -33.43 -15.63 -20.41
CA HIS B 205 -32.59 -15.15 -21.51
C HIS B 205 -32.83 -13.65 -21.69
N PRO B 206 -32.06 -12.82 -20.97
CA PRO B 206 -32.21 -11.36 -21.07
C PRO B 206 -31.86 -10.83 -22.47
N ALA B 207 -32.40 -9.67 -22.80
CA ALA B 207 -32.16 -9.03 -24.10
C ALA B 207 -32.42 -7.52 -23.98
N ASP B 208 -31.86 -6.71 -24.88
CA ASP B 208 -31.01 -7.17 -25.98
C ASP B 208 -29.56 -6.70 -25.86
N GLY B 209 -29.32 -5.69 -25.04
CA GLY B 209 -27.95 -5.21 -24.89
C GLY B 209 -27.78 -3.70 -24.77
N ILE B 210 -26.54 -3.29 -24.53
CA ILE B 210 -26.19 -1.89 -24.39
C ILE B 210 -25.01 -1.63 -25.30
N ALA B 211 -24.89 -0.40 -25.80
CA ALA B 211 -23.78 -0.09 -26.68
C ALA B 211 -23.30 1.35 -26.54
N PHE B 212 -22.00 1.55 -26.72
CA PHE B 212 -21.42 2.88 -26.65
C PHE B 212 -21.28 3.13 -28.14
N PHE B 213 -21.66 4.30 -28.63
CA PHE B 213 -21.56 4.56 -30.06
C PHE B 213 -21.11 5.97 -30.42
N ILE B 214 -20.68 6.12 -31.68
CA ILE B 214 -20.21 7.38 -32.21
C ILE B 214 -20.97 7.52 -33.53
N SER B 215 -21.60 8.67 -33.75
CA SER B 215 -22.35 8.87 -34.97
C SER B 215 -22.33 10.29 -35.48
N ASN B 216 -23.03 10.50 -36.60
CA ASN B 216 -23.11 11.83 -37.18
C ASN B 216 -23.79 12.65 -36.08
N ILE B 217 -23.49 13.93 -36.02
CA ILE B 217 -24.08 14.80 -35.00
C ILE B 217 -25.59 14.83 -34.89
N ASP B 218 -26.30 14.73 -36.01
CA ASP B 218 -27.75 14.75 -36.00
C ASP B 218 -28.43 13.38 -35.92
N SER B 219 -27.69 12.40 -35.44
CA SER B 219 -28.22 11.04 -35.32
C SER B 219 -29.41 10.93 -34.39
N SER B 220 -30.37 10.11 -34.79
CA SER B 220 -31.59 9.87 -34.02
C SER B 220 -31.86 8.37 -34.06
N ILE B 221 -32.70 7.87 -33.15
CA ILE B 221 -33.01 6.45 -33.12
C ILE B 221 -33.73 6.00 -34.40
N PRO B 222 -33.16 5.01 -35.11
CA PRO B 222 -33.82 4.55 -36.34
C PRO B 222 -35.14 3.93 -35.95
N SER B 223 -36.20 4.33 -36.63
CA SER B 223 -37.54 3.82 -36.35
C SER B 223 -37.58 2.30 -36.36
N GLY B 224 -38.17 1.73 -35.31
CA GLY B 224 -38.27 0.28 -35.21
C GLY B 224 -37.02 -0.47 -34.80
N SER B 225 -35.97 0.25 -34.39
CA SER B 225 -34.73 -0.40 -33.98
C SER B 225 -34.70 -1.01 -32.59
N THR B 226 -35.79 -1.65 -32.19
CA THR B 226 -35.84 -2.29 -30.88
C THR B 226 -35.24 -3.68 -31.07
N GLY B 227 -35.25 -4.48 -30.02
CA GLY B 227 -34.71 -5.82 -30.12
C GLY B 227 -33.24 -5.92 -30.54
N ARG B 228 -32.95 -6.84 -31.44
CA ARG B 228 -31.59 -7.08 -31.94
C ARG B 228 -30.89 -5.92 -32.65
N LEU B 229 -31.62 -4.84 -32.94
CA LEU B 229 -31.01 -3.69 -33.62
C LEU B 229 -30.34 -2.70 -32.67
N LEU B 230 -30.49 -2.93 -31.38
CA LEU B 230 -29.90 -2.11 -30.33
C LEU B 230 -30.06 -0.59 -30.44
N GLY B 231 -31.13 -0.14 -31.11
CA GLY B 231 -31.37 1.28 -31.28
C GLY B 231 -30.32 1.99 -32.11
N LEU B 232 -29.46 1.21 -32.79
CA LEU B 232 -28.41 1.78 -33.62
C LEU B 232 -28.56 1.70 -35.13
N PHE B 233 -29.16 0.61 -35.62
CA PHE B 233 -29.34 0.42 -37.06
C PHE B 233 -30.79 0.22 -37.53
N PRO B 234 -31.09 0.65 -38.76
CA PRO B 234 -32.44 0.52 -39.34
C PRO B 234 -32.78 -0.90 -39.81
N ASP B 235 -31.76 -1.71 -40.01
CA ASP B 235 -31.95 -3.09 -40.45
C ASP B 235 -30.78 -3.94 -40.01
N ALA B 236 -30.85 -5.25 -40.27
CA ALA B 236 -29.79 -6.16 -39.89
C ALA B 236 -28.80 -6.49 -40.99
N ASN B 237 -28.68 -5.60 -41.97
CA ASN B 237 -27.75 -5.82 -43.09
C ASN B 237 -26.30 -5.77 -42.63
N ALA C 1 -34.21 39.07 -20.44
CA ALA C 1 -33.05 39.66 -19.71
C ALA C 1 -32.10 38.55 -19.24
N ASP C 2 -30.90 38.54 -19.81
CA ASP C 2 -29.90 37.54 -19.44
C ASP C 2 -29.32 37.78 -18.05
N THR C 3 -28.73 36.74 -17.49
CA THR C 3 -28.10 36.81 -16.16
C THR C 3 -26.63 36.62 -16.49
N ILE C 4 -25.82 37.63 -16.19
CA ILE C 4 -24.39 37.57 -16.48
C ILE C 4 -23.40 37.76 -15.32
N VAL C 5 -22.36 36.95 -15.31
CA VAL C 5 -21.30 37.02 -14.31
C VAL C 5 -20.10 37.02 -15.24
N ALA C 6 -19.21 37.99 -15.10
CA ALA C 6 -18.08 38.01 -16.00
C ALA C 6 -16.83 38.69 -15.45
N VAL C 7 -15.71 38.40 -16.10
CA VAL C 7 -14.44 39.00 -15.72
C VAL C 7 -14.11 39.80 -16.98
N GLU C 8 -13.99 41.10 -16.84
CA GLU C 8 -13.67 41.95 -17.99
C GLU C 8 -12.25 42.49 -18.05
N LEU C 9 -11.73 42.57 -19.28
CA LEU C 9 -10.40 43.08 -19.59
C LEU C 9 -10.82 44.34 -20.35
N ASP C 10 -11.10 45.37 -19.58
CA ASP C 10 -11.55 46.66 -20.06
C ASP C 10 -10.38 47.57 -20.47
N THR C 11 -10.18 47.71 -21.77
CA THR C 11 -9.10 48.54 -22.31
C THR C 11 -9.39 50.04 -22.45
N TYR C 12 -10.67 50.40 -22.51
CA TYR C 12 -11.03 51.81 -22.65
C TYR C 12 -11.84 52.37 -21.48
N PRO C 13 -11.32 53.40 -20.81
CA PRO C 13 -12.07 53.95 -19.68
C PRO C 13 -13.31 54.80 -19.97
N ASN C 14 -14.46 54.33 -19.48
CA ASN C 14 -15.74 55.01 -19.65
C ASN C 14 -16.10 55.51 -18.25
N THR C 15 -15.46 56.60 -17.83
CA THR C 15 -15.71 57.16 -16.51
C THR C 15 -17.13 57.65 -16.25
N ASP C 16 -17.91 57.86 -17.30
CA ASP C 16 -19.29 58.32 -17.12
C ASP C 16 -20.19 57.19 -16.64
N ILE C 17 -19.67 55.96 -16.65
CA ILE C 17 -20.46 54.83 -16.19
C ILE C 17 -19.72 54.01 -15.14
N GLY C 18 -18.87 54.69 -14.36
CA GLY C 18 -18.14 54.01 -13.32
C GLY C 18 -16.74 53.45 -13.54
N ASP C 19 -16.22 53.47 -14.76
CA ASP C 19 -14.88 52.94 -15.00
C ASP C 19 -13.79 53.84 -14.43
N PRO C 20 -12.71 53.25 -13.91
CA PRO C 20 -11.63 54.07 -13.36
C PRO C 20 -10.97 54.73 -14.57
N SER C 21 -10.19 55.78 -14.35
CA SER C 21 -9.52 56.47 -15.44
C SER C 21 -8.28 55.80 -16.00
N TYR C 22 -8.37 54.50 -16.29
CA TYR C 22 -7.26 53.75 -16.84
C TYR C 22 -7.70 52.33 -17.17
N PRO C 23 -6.99 51.64 -18.07
CA PRO C 23 -7.34 50.26 -18.44
C PRO C 23 -7.40 49.47 -17.14
N HIS C 24 -8.31 48.52 -17.05
CA HIS C 24 -8.45 47.72 -15.83
C HIS C 24 -9.14 46.39 -16.08
N ILE C 25 -9.10 45.53 -15.07
CA ILE C 25 -9.74 44.23 -15.13
C ILE C 25 -10.77 44.34 -14.03
N GLY C 26 -11.95 43.76 -14.24
CA GLY C 26 -12.96 43.86 -13.22
C GLY C 26 -13.87 42.67 -13.17
N ILE C 27 -14.60 42.56 -12.06
CA ILE C 27 -15.54 41.47 -11.87
C ILE C 27 -16.93 42.08 -11.97
N ASP C 28 -17.67 41.67 -13.00
CA ASP C 28 -19.02 42.17 -13.23
C ASP C 28 -20.07 41.14 -12.83
N ILE C 29 -20.95 41.55 -11.92
CA ILE C 29 -22.01 40.68 -11.45
C ILE C 29 -23.35 41.31 -11.82
N LYS C 30 -23.92 40.87 -12.93
CA LYS C 30 -25.20 41.36 -13.42
C LYS C 30 -25.24 42.85 -13.75
N SER C 31 -24.07 43.42 -14.01
CA SER C 31 -23.95 44.84 -14.33
C SER C 31 -22.60 45.15 -14.93
N VAL C 32 -22.55 46.05 -15.89
CA VAL C 32 -21.30 46.42 -16.53
C VAL C 32 -20.45 47.25 -15.55
N ARG C 33 -21.10 47.75 -14.50
CA ARG C 33 -20.40 48.55 -13.50
C ARG C 33 -19.80 47.55 -12.51
N SER C 34 -18.55 47.18 -12.79
CA SER C 34 -17.78 46.23 -11.99
C SER C 34 -17.92 46.38 -10.48
N LYS C 35 -18.07 45.26 -9.80
CA LYS C 35 -18.20 45.24 -8.36
C LYS C 35 -16.81 45.47 -7.77
N LYS C 36 -15.79 45.11 -8.54
CA LYS C 36 -14.40 45.27 -8.10
C LYS C 36 -13.50 45.40 -9.33
N THR C 37 -12.52 46.29 -9.26
CA THR C 37 -11.60 46.48 -10.38
C THR C 37 -10.17 46.56 -9.91
N ALA C 38 -9.25 46.46 -10.85
CA ALA C 38 -7.82 46.53 -10.56
C ALA C 38 -7.17 47.16 -11.78
N LYS C 39 -6.14 47.96 -11.55
CA LYS C 39 -5.42 48.62 -12.64
C LYS C 39 -4.75 47.56 -13.49
N TRP C 40 -4.85 47.70 -14.81
CA TRP C 40 -4.25 46.75 -15.73
C TRP C 40 -3.37 47.46 -16.75
N ASN C 41 -2.10 47.07 -16.79
CA ASN C 41 -1.17 47.66 -17.74
C ASN C 41 -1.21 46.88 -19.05
N MET C 42 -2.24 47.16 -19.85
CA MET C 42 -2.41 46.49 -21.13
C MET C 42 -1.24 46.85 -22.05
N GLN C 43 -0.69 45.83 -22.71
CA GLN C 43 0.43 46.03 -23.62
C GLN C 43 -0.06 45.75 -25.03
N ASN C 44 -0.29 46.82 -25.77
CA ASN C 44 -0.78 46.71 -27.14
C ASN C 44 0.16 45.93 -28.05
N GLY C 45 -0.38 44.89 -28.69
CA GLY C 45 0.42 44.08 -29.59
C GLY C 45 1.06 42.82 -29.02
N LYS C 46 0.99 42.63 -27.71
CA LYS C 46 1.58 41.45 -27.09
C LYS C 46 0.55 40.43 -26.59
N VAL C 47 0.91 39.16 -26.69
CA VAL C 47 0.02 38.08 -26.25
C VAL C 47 0.00 37.99 -24.73
N GLY C 48 -1.19 38.05 -24.15
CA GLY C 48 -1.33 37.98 -22.70
C GLY C 48 -2.15 36.78 -22.27
N THR C 49 -2.19 36.53 -20.97
CA THR C 49 -2.95 35.41 -20.43
C THR C 49 -3.85 35.84 -19.28
N ALA C 50 -5.06 35.28 -19.25
CA ALA C 50 -6.02 35.61 -18.21
C ALA C 50 -6.43 34.29 -17.56
N HIS C 51 -6.38 34.25 -16.23
CA HIS C 51 -6.75 33.04 -15.51
C HIS C 51 -7.88 33.42 -14.55
N ILE C 52 -8.97 32.66 -14.58
CA ILE C 52 -10.11 32.90 -13.72
C ILE C 52 -10.40 31.66 -12.88
N ILE C 53 -10.68 31.86 -11.59
CA ILE C 53 -10.95 30.73 -10.72
C ILE C 53 -12.06 31.01 -9.71
N TYR C 54 -12.75 29.95 -9.30
CA TYR C 54 -13.83 30.05 -8.33
C TYR C 54 -14.05 28.69 -7.70
N ASN C 55 -14.30 28.67 -6.39
CA ASN C 55 -14.55 27.40 -5.71
C ASN C 55 -15.62 27.69 -4.66
N SER C 56 -16.52 26.73 -4.47
CA SER C 56 -17.60 26.88 -3.50
C SER C 56 -17.16 26.93 -2.05
N VAL C 57 -15.95 26.47 -1.75
CA VAL C 57 -15.48 26.49 -0.37
C VAL C 57 -15.33 27.93 0.10
N ASP C 58 -14.61 28.73 -0.68
CA ASP C 58 -14.41 30.13 -0.32
C ASP C 58 -15.49 31.04 -0.91
N LYS C 59 -16.14 30.58 -1.98
CA LYS C 59 -17.20 31.37 -2.61
C LYS C 59 -16.61 32.71 -3.05
N ARG C 60 -15.44 32.65 -3.68
CA ARG C 60 -14.75 33.84 -4.15
C ARG C 60 -14.34 33.72 -5.62
N LEU C 61 -14.66 34.73 -6.42
CA LEU C 61 -14.31 34.72 -7.84
C LEU C 61 -13.07 35.58 -7.99
N SER C 62 -11.98 34.98 -8.46
CA SER C 62 -10.74 35.71 -8.65
C SER C 62 -10.19 35.57 -10.07
N ALA C 63 -9.43 36.58 -10.50
CA ALA C 63 -8.85 36.55 -11.84
C ALA C 63 -7.48 37.23 -11.83
N VAL C 64 -6.60 36.74 -12.69
CA VAL C 64 -5.24 37.28 -12.81
C VAL C 64 -4.93 37.39 -14.29
N VAL C 65 -4.47 38.57 -14.70
CA VAL C 65 -4.11 38.79 -16.11
C VAL C 65 -2.67 39.23 -16.18
N SER C 66 -1.90 38.61 -17.07
CA SER C 66 -0.50 38.98 -17.18
C SER C 66 0.14 38.75 -18.54
N TYR C 67 1.32 39.34 -18.70
CA TYR C 67 2.12 39.25 -19.92
C TYR C 67 3.48 38.71 -19.48
N PRO C 68 4.11 37.87 -20.31
CA PRO C 68 5.41 37.31 -19.94
C PRO C 68 6.39 38.39 -19.48
N ASN C 69 7.14 38.06 -18.43
CA ASN C 69 8.14 38.97 -17.85
C ASN C 69 7.61 40.36 -17.47
N ALA C 70 6.51 40.39 -16.72
CA ALA C 70 5.90 41.63 -16.29
C ALA C 70 4.98 41.33 -15.11
N ASP C 71 4.78 42.31 -14.23
CA ASP C 71 3.91 42.12 -13.09
C ASP C 71 2.48 41.88 -13.57
N SER C 72 1.72 41.10 -12.82
CA SER C 72 0.35 40.81 -13.18
C SER C 72 -0.66 41.65 -12.41
N ALA C 73 -1.92 41.63 -12.86
CA ALA C 73 -2.99 42.37 -12.22
C ALA C 73 -3.95 41.32 -11.71
N THR C 74 -4.47 41.51 -10.50
CA THR C 74 -5.40 40.54 -9.94
C THR C 74 -6.59 41.22 -9.29
N VAL C 75 -7.76 40.60 -9.41
CA VAL C 75 -8.96 41.16 -8.82
C VAL C 75 -9.77 40.00 -8.25
N SER C 76 -10.38 40.22 -7.09
CA SER C 76 -11.18 39.17 -6.45
C SER C 76 -12.44 39.76 -5.86
N TYR C 77 -13.46 38.94 -5.75
CA TYR C 77 -14.73 39.40 -5.20
C TYR C 77 -15.48 38.21 -4.59
N ASP C 78 -15.97 38.39 -3.37
CA ASP C 78 -16.72 37.33 -2.70
C ASP C 78 -18.13 37.37 -3.27
N VAL C 79 -18.58 36.24 -3.81
CA VAL C 79 -19.92 36.15 -4.37
C VAL C 79 -20.43 34.71 -4.36
N ASP C 80 -21.70 34.53 -4.02
CA ASP C 80 -22.29 33.20 -3.98
C ASP C 80 -23.01 33.00 -5.30
N LEU C 81 -22.38 32.27 -6.22
CA LEU C 81 -22.98 32.02 -7.52
C LEU C 81 -24.32 31.30 -7.52
N ASP C 82 -24.58 30.47 -6.51
CA ASP C 82 -25.85 29.76 -6.48
C ASP C 82 -27.01 30.74 -6.26
N ASN C 83 -26.69 31.97 -5.85
CA ASN C 83 -27.71 32.97 -5.61
C ASN C 83 -27.71 34.02 -6.72
N VAL C 84 -26.83 33.85 -7.70
CA VAL C 84 -26.75 34.79 -8.81
C VAL C 84 -27.08 34.18 -10.17
N LEU C 85 -26.50 33.02 -10.44
CA LEU C 85 -26.73 32.32 -11.70
C LEU C 85 -27.70 31.15 -11.61
N PRO C 86 -28.28 30.75 -12.75
CA PRO C 86 -29.20 29.61 -12.74
C PRO C 86 -28.28 28.40 -12.55
N GLU C 87 -28.83 27.25 -12.17
CA GLU C 87 -28.01 26.06 -11.97
C GLU C 87 -27.24 25.63 -13.22
N TRP C 88 -27.88 25.73 -14.38
CA TRP C 88 -27.25 25.36 -15.64
C TRP C 88 -26.96 26.65 -16.40
N VAL C 89 -25.77 26.72 -17.00
CA VAL C 89 -25.36 27.89 -17.75
C VAL C 89 -24.48 27.49 -18.94
N ARG C 90 -24.00 28.51 -19.64
CA ARG C 90 -23.12 28.31 -20.77
C ARG C 90 -21.97 29.26 -20.46
N VAL C 91 -20.77 28.92 -20.89
CA VAL C 91 -19.63 29.78 -20.65
C VAL C 91 -19.10 30.26 -22.00
N GLY C 92 -18.53 31.45 -22.01
CA GLY C 92 -18.01 31.96 -23.26
C GLY C 92 -17.09 33.16 -23.13
N LEU C 93 -16.71 33.69 -24.29
CA LEU C 93 -15.83 34.85 -24.38
C LEU C 93 -16.56 35.88 -25.24
N SER C 94 -16.42 37.15 -24.87
CA SER C 94 -17.07 38.22 -25.60
C SER C 94 -16.09 39.39 -25.75
N ALA C 95 -16.30 40.22 -26.76
CA ALA C 95 -15.43 41.37 -27.00
C ALA C 95 -16.17 42.37 -27.86
N SER C 96 -15.72 43.63 -27.81
CA SER C 96 -16.38 44.66 -28.60
C SER C 96 -15.44 45.82 -28.88
N THR C 97 -15.89 46.69 -29.77
CA THR C 97 -15.17 47.89 -30.17
C THR C 97 -16.27 48.94 -30.39
N GLY C 98 -15.89 50.21 -30.49
CA GLY C 98 -16.88 51.25 -30.69
C GLY C 98 -16.29 52.28 -31.63
N LEU C 99 -16.16 53.52 -31.16
CA LEU C 99 -15.59 54.58 -31.98
C LEU C 99 -14.13 54.20 -32.15
N TYR C 100 -13.54 53.68 -31.07
CA TYR C 100 -12.15 53.27 -31.07
C TYR C 100 -12.16 51.74 -31.18
N LYS C 101 -11.07 51.16 -31.68
CA LYS C 101 -11.01 49.72 -31.82
C LYS C 101 -9.72 49.04 -31.39
N GLU C 102 -9.70 47.72 -31.62
CA GLU C 102 -8.56 46.87 -31.28
C GLU C 102 -8.91 45.47 -31.75
N THR C 103 -7.89 44.64 -31.94
CA THR C 103 -8.14 43.27 -32.37
C THR C 103 -8.46 42.58 -31.05
N ASN C 104 -9.42 41.65 -31.09
CA ASN C 104 -9.80 40.92 -29.88
C ASN C 104 -9.62 39.45 -30.24
N THR C 105 -8.38 39.11 -30.51
CA THR C 105 -7.97 37.78 -30.88
C THR C 105 -7.71 36.82 -29.74
N ILE C 106 -8.33 35.64 -29.81
CA ILE C 106 -8.17 34.61 -28.78
C ILE C 106 -7.31 33.50 -29.39
N LEU C 107 -6.17 33.21 -28.76
CA LEU C 107 -5.28 32.17 -29.26
C LEU C 107 -5.51 30.81 -28.64
N SER C 108 -6.09 30.79 -27.45
CA SER C 108 -6.36 29.53 -26.76
C SER C 108 -7.38 29.79 -25.67
N TRP C 109 -8.14 28.76 -25.32
CA TRP C 109 -9.15 28.87 -24.29
C TRP C 109 -9.43 27.51 -23.65
N SER C 110 -9.32 27.44 -22.33
CA SER C 110 -9.56 26.18 -21.62
C SER C 110 -10.51 26.45 -20.47
N PHE C 111 -11.24 25.41 -20.06
CA PHE C 111 -12.18 25.55 -18.96
C PHE C 111 -12.42 24.19 -18.30
N THR C 112 -12.57 24.21 -16.98
CA THR C 112 -12.80 22.98 -16.24
C THR C 112 -13.81 23.27 -15.14
N SER C 113 -14.83 22.44 -15.02
CA SER C 113 -15.84 22.63 -14.00
C SER C 113 -16.08 21.30 -13.28
N LYS C 114 -16.22 21.35 -11.96
CA LYS C 114 -16.44 20.14 -11.16
C LYS C 114 -17.53 20.32 -10.12
N LEU C 115 -18.38 19.30 -9.98
CA LEU C 115 -19.47 19.30 -9.01
C LEU C 115 -19.44 17.99 -8.25
N LYS C 116 -19.25 18.08 -6.93
CA LYS C 116 -19.20 16.89 -6.09
C LYS C 116 -20.48 16.72 -5.28
N SER C 117 -21.14 15.58 -5.47
CA SER C 117 -22.39 15.27 -4.77
C SER C 117 -22.26 15.25 -3.24
N ASN C 118 -23.31 15.70 -2.56
CA ASN C 118 -23.33 15.73 -1.11
C ASN C 118 -23.86 14.42 -0.55
N SER C 119 -24.53 13.64 -1.39
CA SER C 119 -25.09 12.36 -0.96
C SER C 119 -24.14 11.19 -1.21
N THR C 120 -23.56 11.13 -2.41
CA THR C 120 -22.65 10.05 -2.75
C THR C 120 -21.20 10.50 -2.76
N HIS C 121 -20.98 11.82 -2.67
CA HIS C 121 -19.64 12.38 -2.67
C HIS C 121 -18.89 12.14 -3.98
N GLU C 122 -19.59 11.69 -5.01
CA GLU C 122 -18.98 11.44 -6.30
C GLU C 122 -19.02 12.73 -7.12
N THR C 123 -18.14 12.85 -8.10
CA THR C 123 -18.09 14.05 -8.91
C THR C 123 -18.43 13.97 -10.40
N ASN C 124 -18.99 15.07 -10.91
CA ASN C 124 -19.36 15.22 -12.31
C ASN C 124 -18.39 16.30 -12.76
N ALA C 125 -17.84 16.17 -13.96
CA ALA C 125 -16.90 17.17 -14.44
C ALA C 125 -16.95 17.39 -15.94
N LEU C 126 -16.45 18.56 -16.36
CA LEU C 126 -16.40 18.92 -17.76
C LEU C 126 -15.11 19.70 -17.97
N HIS C 127 -14.41 19.38 -19.05
CA HIS C 127 -13.17 20.08 -19.36
C HIS C 127 -13.02 20.15 -20.87
N PHE C 128 -12.61 21.31 -21.37
CA PHE C 128 -12.41 21.46 -22.80
C PHE C 128 -11.18 22.36 -22.92
N MET C 129 -10.40 22.12 -23.97
CA MET C 129 -9.20 22.89 -24.20
C MET C 129 -9.09 23.15 -25.70
N PHE C 130 -8.96 24.43 -26.04
CA PHE C 130 -8.84 24.85 -27.43
C PHE C 130 -7.49 25.54 -27.57
N ASN C 131 -6.57 24.91 -28.30
CA ASN C 131 -5.26 25.53 -28.49
C ASN C 131 -5.19 25.95 -29.95
N GLN C 132 -6.22 25.57 -30.70
CA GLN C 132 -6.34 25.90 -32.10
C GLN C 132 -7.82 25.85 -32.47
N PHE C 133 -8.28 26.87 -33.19
CA PHE C 133 -9.68 26.96 -33.60
C PHE C 133 -9.75 26.66 -35.10
N SER C 134 -10.80 25.95 -35.50
CA SER C 134 -11.01 25.59 -36.90
C SER C 134 -12.05 26.49 -37.57
N LYS C 135 -12.03 26.54 -38.89
CA LYS C 135 -12.96 27.36 -39.66
C LYS C 135 -14.41 27.00 -39.30
N ASP C 136 -14.64 25.74 -38.98
CA ASP C 136 -15.98 25.28 -38.63
C ASP C 136 -15.92 24.51 -37.30
N GLN C 137 -15.74 25.26 -36.21
CA GLN C 137 -15.66 24.70 -34.86
C GLN C 137 -17.06 24.36 -34.34
N LYS C 138 -17.56 23.18 -34.67
CA LYS C 138 -18.89 22.76 -34.23
C LYS C 138 -19.19 22.76 -32.73
N ASP C 139 -18.17 22.71 -31.88
CA ASP C 139 -18.46 22.70 -30.45
C ASP C 139 -18.49 24.11 -29.86
N LEU C 140 -18.56 25.11 -30.74
CA LEU C 140 -18.60 26.51 -30.31
C LEU C 140 -19.79 27.19 -30.97
N ILE C 141 -20.46 28.06 -30.21
CA ILE C 141 -21.61 28.79 -30.72
C ILE C 141 -21.09 30.20 -30.94
N LEU C 142 -20.97 30.62 -32.20
CA LEU C 142 -20.48 31.96 -32.50
C LEU C 142 -21.63 32.93 -32.67
N GLN C 143 -21.50 34.13 -32.09
CA GLN C 143 -22.54 35.14 -32.20
C GLN C 143 -21.95 36.47 -32.67
N GLY C 144 -22.76 37.27 -33.34
CA GLY C 144 -22.28 38.54 -33.82
C GLY C 144 -21.17 38.42 -34.84
N ASP C 145 -20.12 39.22 -34.69
CA ASP C 145 -18.98 39.21 -35.61
C ASP C 145 -17.90 38.17 -35.38
N ALA C 146 -18.04 37.34 -34.35
CA ALA C 146 -17.03 36.33 -34.07
C ALA C 146 -16.83 35.33 -35.21
N THR C 147 -15.57 35.03 -35.50
CA THR C 147 -15.21 34.08 -36.57
C THR C 147 -14.01 33.24 -36.12
N THR C 148 -13.86 32.07 -36.74
CA THR C 148 -12.76 31.17 -36.40
C THR C 148 -12.10 30.70 -37.70
N GLY C 149 -10.81 30.38 -37.62
CA GLY C 149 -10.10 29.90 -38.79
C GLY C 149 -8.80 30.62 -39.11
N THR C 150 -8.85 31.95 -39.13
CA THR C 150 -7.66 32.75 -39.44
C THR C 150 -6.49 32.41 -38.51
N ASP C 151 -5.46 31.79 -39.07
CA ASP C 151 -4.28 31.40 -38.32
C ASP C 151 -4.62 30.55 -37.11
N GLY C 152 -5.72 29.80 -37.21
CA GLY C 152 -6.14 28.94 -36.11
C GLY C 152 -6.58 29.71 -34.88
N ASN C 153 -6.93 30.97 -35.05
CA ASN C 153 -7.37 31.79 -33.92
C ASN C 153 -8.85 32.12 -33.96
N LEU C 154 -9.35 32.63 -32.85
CA LEU C 154 -10.74 33.01 -32.72
C LEU C 154 -10.75 34.53 -32.66
N GLU C 155 -11.34 35.16 -33.67
CA GLU C 155 -11.42 36.63 -33.72
C GLU C 155 -12.82 37.02 -33.24
N LEU C 156 -12.91 37.49 -32.00
CA LEU C 156 -14.19 37.90 -31.44
C LEU C 156 -14.83 39.08 -32.18
N THR C 157 -14.02 40.04 -32.62
CA THR C 157 -14.55 41.18 -33.33
C THR C 157 -13.98 41.23 -34.75
N ARG C 158 -14.66 41.96 -35.63
CA ARG C 158 -14.27 42.09 -37.02
C ARG C 158 -12.86 42.63 -37.29
N VAL C 159 -12.14 41.94 -38.17
CA VAL C 159 -10.79 42.29 -38.55
C VAL C 159 -10.62 42.03 -40.06
N SER C 160 -9.79 42.84 -40.72
CA SER C 160 -9.57 42.68 -42.16
C SER C 160 -8.63 41.50 -42.46
N SER C 161 -8.49 41.18 -43.74
CA SER C 161 -7.62 40.08 -44.16
C SER C 161 -6.16 40.27 -43.74
N ASN C 162 -5.77 41.52 -43.55
CA ASN C 162 -4.39 41.84 -43.14
C ASN C 162 -4.25 41.84 -41.62
N GLY C 163 -5.36 42.08 -40.92
CA GLY C 163 -5.32 42.10 -39.47
C GLY C 163 -5.74 43.42 -38.86
N SER C 164 -6.33 44.31 -39.65
CA SER C 164 -6.76 45.60 -39.15
C SER C 164 -8.13 45.52 -38.47
N PRO C 165 -8.22 45.98 -37.21
CA PRO C 165 -9.46 45.98 -36.44
C PRO C 165 -10.49 47.01 -36.89
N GLN C 166 -11.77 46.65 -36.78
CA GLN C 166 -12.85 47.53 -37.17
C GLN C 166 -13.65 48.00 -35.96
N GLY C 167 -14.22 49.21 -36.07
CA GLY C 167 -15.00 49.74 -34.97
C GLY C 167 -16.44 49.26 -35.02
N SER C 168 -17.21 49.62 -34.01
CA SER C 168 -18.62 49.22 -33.94
C SER C 168 -18.81 47.73 -34.19
N SER C 169 -17.99 46.92 -33.53
CA SER C 169 -18.09 45.48 -33.70
C SER C 169 -18.28 44.77 -32.37
N VAL C 170 -19.01 43.66 -32.39
CA VAL C 170 -19.26 42.89 -31.17
C VAL C 170 -19.43 41.42 -31.57
N GLY C 171 -18.80 40.54 -30.80
CA GLY C 171 -18.90 39.12 -31.09
C GLY C 171 -18.63 38.28 -29.86
N ARG C 172 -19.17 37.07 -29.84
CA ARG C 172 -18.98 36.17 -28.71
C ARG C 172 -18.88 34.73 -29.18
N ALA C 173 -18.33 33.87 -28.32
CA ALA C 173 -18.18 32.46 -28.63
C ALA C 173 -18.52 31.72 -27.34
N LEU C 174 -19.49 30.82 -27.41
CA LEU C 174 -19.90 30.05 -26.22
C LEU C 174 -19.67 28.57 -26.44
N PHE C 175 -19.28 27.85 -25.39
CA PHE C 175 -19.05 26.42 -25.53
C PHE C 175 -20.43 25.83 -25.79
N TYR C 176 -20.50 24.89 -26.71
CA TYR C 176 -21.78 24.27 -27.06
C TYR C 176 -22.56 23.59 -25.94
N ALA C 177 -21.89 22.84 -25.08
CA ALA C 177 -22.59 22.15 -23.99
C ALA C 177 -22.87 22.98 -22.74
N PRO C 178 -24.08 22.86 -22.19
CA PRO C 178 -24.44 23.59 -20.97
C PRO C 178 -23.54 23.05 -19.87
N VAL C 179 -23.32 23.87 -18.85
CA VAL C 179 -22.47 23.49 -17.72
C VAL C 179 -23.28 23.56 -16.42
N HIS C 180 -23.15 22.55 -15.58
CA HIS C 180 -23.87 22.54 -14.30
C HIS C 180 -22.92 23.28 -13.37
N ILE C 181 -23.11 24.60 -13.26
CA ILE C 181 -22.27 25.44 -12.44
C ILE C 181 -22.42 25.32 -10.92
N TRP C 182 -23.61 24.95 -10.47
CA TRP C 182 -23.83 24.80 -9.04
C TRP C 182 -25.01 23.87 -8.78
N GLU C 183 -24.94 23.15 -7.66
CA GLU C 183 -25.99 22.22 -7.27
C GLU C 183 -26.06 22.25 -5.75
N SER C 184 -27.24 22.55 -5.23
CA SER C 184 -27.46 22.61 -3.78
C SER C 184 -27.00 21.35 -3.07
N SER C 185 -27.16 20.22 -3.73
CA SER C 185 -26.77 18.93 -3.15
C SER C 185 -25.31 18.58 -3.40
N ALA C 186 -24.46 19.60 -3.54
CA ALA C 186 -23.03 19.38 -3.79
C ALA C 186 -22.16 19.82 -2.61
N VAL C 187 -21.20 18.99 -2.23
CA VAL C 187 -20.29 19.30 -1.12
C VAL C 187 -19.32 20.38 -1.53
N VAL C 188 -18.76 20.23 -2.73
CA VAL C 188 -17.80 21.19 -3.25
C VAL C 188 -18.01 21.35 -4.75
N ALA C 189 -17.86 22.57 -5.23
CA ALA C 189 -18.04 22.87 -6.64
C ALA C 189 -17.02 23.94 -7.00
N SER C 190 -16.53 23.91 -8.23
CA SER C 190 -15.56 24.90 -8.64
C SER C 190 -15.29 24.88 -10.12
N PHE C 191 -14.67 25.93 -10.61
CA PHE C 191 -14.36 25.99 -12.02
C PHE C 191 -13.17 26.89 -12.22
N GLU C 192 -12.51 26.74 -13.37
CA GLU C 192 -11.36 27.55 -13.68
C GLU C 192 -11.37 27.73 -15.18
N ALA C 193 -10.92 28.89 -15.63
CA ALA C 193 -10.87 29.18 -17.05
C ALA C 193 -9.59 29.90 -17.35
N THR C 194 -9.03 29.65 -18.52
CA THR C 194 -7.78 30.27 -18.93
C THR C 194 -7.84 30.58 -20.43
N PHE C 195 -7.36 31.74 -20.83
CA PHE C 195 -7.36 32.08 -22.24
C PHE C 195 -6.21 33.03 -22.53
N THR C 196 -5.65 32.91 -23.74
CA THR C 196 -4.55 33.77 -24.14
C THR C 196 -5.17 34.68 -25.19
N PHE C 197 -4.80 35.95 -25.17
CA PHE C 197 -5.34 36.91 -26.11
C PHE C 197 -4.28 37.81 -26.70
N LEU C 198 -4.66 38.47 -27.79
CA LEU C 198 -3.77 39.39 -28.47
C LEU C 198 -4.59 40.60 -28.85
N ILE C 199 -4.38 41.69 -28.12
CA ILE C 199 -5.10 42.94 -28.36
C ILE C 199 -4.12 43.93 -28.98
N LYS C 200 -4.38 44.31 -30.23
CA LYS C 200 -3.54 45.25 -30.96
C LYS C 200 -4.41 46.34 -31.57
N SER C 201 -3.94 47.58 -31.52
CA SER C 201 -4.68 48.70 -32.07
C SER C 201 -3.76 49.74 -32.72
N PRO C 202 -4.18 50.29 -33.87
CA PRO C 202 -3.40 51.30 -34.60
C PRO C 202 -3.52 52.69 -33.97
N ASP C 203 -4.65 52.94 -33.32
CA ASP C 203 -4.86 54.24 -32.69
C ASP C 203 -4.27 54.33 -31.29
N SER C 204 -4.19 55.56 -30.79
CA SER C 204 -3.64 55.83 -29.46
C SER C 204 -4.55 55.36 -28.32
N HIS C 205 -5.82 55.16 -28.62
CA HIS C 205 -6.76 54.71 -27.59
C HIS C 205 -7.55 53.49 -28.03
N PRO C 206 -7.06 52.29 -27.68
CA PRO C 206 -7.76 51.06 -28.05
C PRO C 206 -9.03 50.89 -27.23
N ALA C 207 -10.00 50.16 -27.79
CA ALA C 207 -11.28 49.90 -27.13
C ALA C 207 -11.87 48.67 -27.82
N ASP C 208 -12.78 47.96 -27.17
CA ASP C 208 -13.29 48.26 -25.83
C ASP C 208 -12.93 47.22 -24.78
N GLY C 209 -12.57 46.02 -25.20
CA GLY C 209 -12.22 45.00 -24.23
C GLY C 209 -12.68 43.59 -24.56
N ILE C 210 -12.27 42.66 -23.70
CA ILE C 210 -12.60 41.24 -23.84
C ILE C 210 -13.09 40.75 -22.49
N ALA C 211 -13.99 39.80 -22.48
CA ALA C 211 -14.49 39.28 -21.21
C ALA C 211 -14.80 37.81 -21.23
N PHE C 212 -14.62 37.15 -20.08
CA PHE C 212 -14.91 35.72 -19.97
C PHE C 212 -16.25 35.84 -19.25
N PHE C 213 -17.28 35.14 -19.69
CA PHE C 213 -18.56 35.24 -19.01
C PHE C 213 -19.29 33.91 -18.83
N ILE C 214 -20.25 33.93 -17.92
CA ILE C 214 -21.08 32.78 -17.58
C ILE C 214 -22.49 33.36 -17.66
N SER C 215 -23.36 32.70 -18.42
CA SER C 215 -24.72 33.19 -18.57
C SER C 215 -25.77 32.10 -18.64
N ASN C 216 -27.02 32.52 -18.74
CA ASN C 216 -28.14 31.59 -18.84
C ASN C 216 -27.82 30.89 -20.17
N ILE C 217 -28.22 29.62 -20.33
CA ILE C 217 -27.94 28.89 -21.56
C ILE C 217 -28.35 29.52 -22.90
N ASP C 218 -29.49 30.18 -22.92
CA ASP C 218 -29.98 30.80 -24.16
C ASP C 218 -29.56 32.26 -24.35
N SER C 219 -28.49 32.66 -23.68
CA SER C 219 -27.98 34.02 -23.77
C SER C 219 -27.57 34.43 -25.18
N SER C 220 -27.86 35.70 -25.51
CA SER C 220 -27.53 36.25 -26.81
C SER C 220 -26.97 37.66 -26.63
N ILE C 221 -26.33 38.18 -27.67
CA ILE C 221 -25.77 39.51 -27.60
C ILE C 221 -26.93 40.49 -27.47
N PRO C 222 -26.94 41.32 -26.42
CA PRO C 222 -28.03 42.28 -26.23
C PRO C 222 -28.04 43.26 -27.41
N SER C 223 -29.23 43.69 -27.83
CA SER C 223 -29.31 44.63 -28.95
C SER C 223 -28.51 45.91 -28.69
N GLY C 224 -27.65 46.26 -29.65
CA GLY C 224 -26.82 47.44 -29.56
C GLY C 224 -25.72 47.45 -28.51
N SER C 225 -25.40 46.28 -27.97
CA SER C 225 -24.36 46.18 -26.94
C SER C 225 -22.91 46.23 -27.42
N THR C 226 -22.62 47.14 -28.35
CA THR C 226 -21.27 47.28 -28.86
C THR C 226 -20.57 48.24 -27.89
N GLY C 227 -19.34 48.62 -28.22
CA GLY C 227 -18.59 49.52 -27.36
C GLY C 227 -18.45 49.18 -25.89
N ARG C 228 -18.72 50.16 -25.03
CA ARG C 228 -18.62 50.00 -23.58
C ARG C 228 -19.42 48.88 -22.92
N LEU C 229 -20.42 48.34 -23.61
CA LEU C 229 -21.23 47.27 -23.02
C LEU C 229 -20.65 45.87 -23.23
N LEU C 230 -19.50 45.81 -23.91
CA LEU C 230 -18.77 44.57 -24.18
C LEU C 230 -19.61 43.37 -24.65
N GLY C 231 -20.75 43.64 -25.28
CA GLY C 231 -21.61 42.58 -25.76
C GLY C 231 -22.24 41.72 -24.68
N LEU C 232 -22.24 42.22 -23.44
CA LEU C 232 -22.81 41.47 -22.33
C LEU C 232 -24.07 42.04 -21.71
N PHE C 233 -24.17 43.37 -21.66
CA PHE C 233 -25.34 44.03 -21.07
C PHE C 233 -26.14 44.93 -22.01
N PRO C 234 -27.46 45.02 -21.77
CA PRO C 234 -28.38 45.83 -22.58
C PRO C 234 -28.22 47.32 -22.31
N ASP C 235 -27.77 47.66 -21.11
CA ASP C 235 -27.58 49.04 -20.72
C ASP C 235 -26.45 49.15 -19.70
N ALA C 236 -26.14 50.38 -19.29
CA ALA C 236 -25.07 50.60 -18.32
C ALA C 236 -25.57 50.79 -16.89
N ASN C 237 -26.66 50.13 -16.53
CA ASN C 237 -27.21 50.24 -15.18
C ASN C 237 -26.39 49.42 -14.19
N ALA D 1 2.07 0.25 28.75
CA ALA D 1 3.40 0.36 28.10
C ALA D 1 4.30 -0.79 28.57
N ASP D 2 5.47 -0.91 27.96
CA ASP D 2 6.40 -1.97 28.33
C ASP D 2 7.08 -1.64 29.66
N THR D 3 7.78 -2.63 30.22
CA THR D 3 8.49 -2.46 31.48
C THR D 3 9.95 -2.58 31.03
N ILE D 4 10.73 -1.54 31.25
CA ILE D 4 12.14 -1.51 30.86
C ILE D 4 13.17 -1.20 31.94
N VAL D 5 14.28 -1.92 31.89
CA VAL D 5 15.40 -1.77 32.80
C VAL D 5 16.52 -1.74 31.78
N ALA D 6 17.35 -0.71 31.81
CA ALA D 6 18.42 -0.65 30.83
C ALA D 6 19.66 0.11 31.29
N VAL D 7 20.73 -0.10 30.53
CA VAL D 7 22.00 0.54 30.78
C VAL D 7 22.17 1.32 29.48
N GLU D 8 22.22 2.64 29.59
CA GLU D 8 22.37 3.48 28.41
C GLU D 8 23.75 4.09 28.24
N LEU D 9 24.19 4.17 27.00
CA LEU D 9 25.47 4.76 26.60
C LEU D 9 24.90 5.95 25.85
N ASP D 10 24.60 6.99 26.60
CA ASP D 10 24.05 8.23 26.09
C ASP D 10 25.09 9.19 25.53
N THR D 11 25.09 9.36 24.22
CA THR D 11 26.04 10.24 23.56
C THR D 11 25.64 11.72 23.45
N TYR D 12 24.35 12.01 23.59
CA TYR D 12 23.88 13.39 23.48
C TYR D 12 23.19 13.95 24.71
N PRO D 13 23.73 15.02 25.30
CA PRO D 13 23.13 15.62 26.50
C PRO D 13 21.78 16.31 26.31
N ASN D 14 20.73 15.77 26.94
CA ASN D 14 19.40 16.38 26.85
C ASN D 14 19.18 16.84 28.28
N THR D 15 19.78 17.98 28.60
CA THR D 15 19.70 18.58 29.93
C THR D 15 18.31 18.93 30.43
N ASP D 16 17.35 19.12 29.51
CA ASP D 16 16.00 19.45 29.94
C ASP D 16 15.24 18.25 30.47
N ILE D 17 15.82 17.06 30.33
CA ILE D 17 15.15 15.86 30.84
C ILE D 17 16.03 15.09 31.82
N GLY D 18 16.91 15.80 32.52
CA GLY D 18 17.78 15.17 33.49
C GLY D 18 19.19 14.76 33.13
N ASP D 19 19.55 14.73 31.85
CA ASP D 19 20.91 14.34 31.47
C ASP D 19 21.95 15.34 31.98
N PRO D 20 23.15 14.84 32.31
CA PRO D 20 24.20 15.74 32.77
C PRO D 20 24.74 16.39 31.50
N SER D 21 25.43 17.53 31.62
CA SER D 21 25.96 18.21 30.44
C SER D 21 27.17 17.57 29.77
N TYR D 22 27.06 16.29 29.42
CA TYR D 22 28.16 15.57 28.77
C TYR D 22 27.78 14.13 28.51
N PRO D 23 28.42 13.49 27.52
CA PRO D 23 28.09 12.09 27.25
C PRO D 23 28.22 11.33 28.57
N HIS D 24 27.36 10.35 28.79
CA HIS D 24 27.41 9.60 30.03
C HIS D 24 26.79 8.23 29.88
N ILE D 25 27.00 7.38 30.88
CA ILE D 25 26.44 6.04 30.86
C ILE D 25 25.47 6.13 32.03
N GLY D 26 24.35 5.43 31.94
CA GLY D 26 23.40 5.50 33.02
C GLY D 26 22.57 4.25 33.20
N ILE D 27 21.94 4.16 34.37
CA ILE D 27 21.11 3.02 34.68
C ILE D 27 19.69 3.54 34.67
N ASP D 28 18.86 2.98 33.78
CA ASP D 28 17.48 3.36 33.63
C ASP D 28 16.50 2.32 34.15
N ILE D 29 15.66 2.73 35.10
CA ILE D 29 14.68 1.84 35.68
C ILE D 29 13.29 2.42 35.40
N LYS D 30 12.62 1.88 34.38
CA LYS D 30 11.30 2.32 34.00
C LYS D 30 11.20 3.80 33.66
N SER D 31 12.33 4.40 33.28
CA SER D 31 12.36 5.80 32.94
C SER D 31 13.64 6.16 32.19
N VAL D 32 13.52 7.06 31.22
CA VAL D 32 14.67 7.50 30.44
C VAL D 32 15.55 8.41 31.31
N ARG D 33 14.98 8.93 32.40
CA ARG D 33 15.73 9.81 33.29
C ARG D 33 16.46 8.87 34.24
N SER D 34 17.71 8.57 33.89
CA SER D 34 18.57 7.67 34.66
C SER D 34 18.55 7.88 36.17
N LYS D 35 18.54 6.77 36.90
CA LYS D 35 18.53 6.79 38.35
C LYS D 35 19.95 7.09 38.83
N LYS D 36 20.92 6.85 37.95
CA LYS D 36 22.31 7.10 38.26
C LYS D 36 23.10 7.19 36.97
N THR D 37 24.06 8.11 36.92
CA THR D 37 24.86 8.28 35.72
C THR D 37 26.32 8.50 36.09
N ALA D 38 27.18 8.44 35.08
CA ALA D 38 28.61 8.63 35.26
C ALA D 38 29.15 9.22 33.96
N LYS D 39 30.12 10.12 34.07
CA LYS D 39 30.72 10.75 32.91
C LYS D 39 31.37 9.71 32.01
N TRP D 40 31.16 9.86 30.70
CA TRP D 40 31.72 8.93 29.73
C TRP D 40 32.42 9.63 28.57
N ASN D 41 33.69 9.32 28.39
CA ASN D 41 34.47 9.92 27.31
C ASN D 41 34.35 9.08 26.04
N MET D 42 33.26 9.28 25.31
CA MET D 42 32.99 8.55 24.07
C MET D 42 34.02 8.94 23.01
N GLN D 43 34.60 7.95 22.34
CA GLN D 43 35.59 8.21 21.30
C GLN D 43 35.04 7.92 19.92
N ASN D 44 34.70 8.99 19.21
CA ASN D 44 34.15 8.87 17.86
C ASN D 44 35.02 8.02 16.95
N GLY D 45 34.40 7.03 16.30
CA GLY D 45 35.11 6.15 15.40
C GLY D 45 35.99 5.07 16.01
N LYS D 46 35.88 4.86 17.32
CA LYS D 46 36.68 3.83 17.97
C LYS D 46 35.79 2.72 18.54
N VAL D 47 36.32 1.50 18.55
CA VAL D 47 35.56 0.36 19.06
C VAL D 47 35.65 0.29 20.59
N GLY D 48 34.49 0.34 21.24
CA GLY D 48 34.44 0.28 22.69
C GLY D 48 33.80 -0.99 23.18
N THR D 49 33.87 -1.22 24.50
CA THR D 49 33.30 -2.40 25.11
C THR D 49 32.46 -2.04 26.32
N ALA D 50 31.29 -2.65 26.44
CA ALA D 50 30.41 -2.40 27.57
C ALA D 50 30.16 -3.73 28.27
N HIS D 51 30.25 -3.71 29.59
CA HIS D 51 30.04 -4.91 30.39
C HIS D 51 29.01 -4.58 31.46
N ILE D 52 27.97 -5.40 31.55
CA ILE D 52 26.90 -5.21 32.52
C ILE D 52 26.79 -6.45 33.40
N ILE D 53 26.62 -6.24 34.71
CA ILE D 53 26.52 -7.36 35.63
C ILE D 53 25.47 -7.15 36.73
N TYR D 54 24.88 -8.24 37.18
CA TYR D 54 23.87 -8.19 38.22
C TYR D 54 23.79 -9.54 38.91
N ASN D 55 23.70 -9.53 40.23
CA ASN D 55 23.59 -10.78 40.97
C ASN D 55 22.60 -10.52 42.11
N SER D 56 21.77 -11.50 42.40
CA SER D 56 20.76 -11.39 43.46
C SER D 56 21.30 -11.33 44.88
N VAL D 57 22.58 -11.61 45.07
CA VAL D 57 23.14 -11.57 46.42
C VAL D 57 23.29 -10.12 46.86
N ASP D 58 23.83 -9.28 45.97
CA ASP D 58 24.00 -7.86 46.27
C ASP D 58 22.84 -7.07 45.71
N LYS D 59 22.19 -7.62 44.70
CA LYS D 59 21.06 -6.97 44.06
C LYS D 59 21.47 -5.57 43.63
N ARG D 60 22.59 -5.51 42.92
CA ARG D 60 23.13 -4.26 42.43
C ARG D 60 23.44 -4.39 40.93
N LEU D 61 22.96 -3.44 40.14
CA LEU D 61 23.18 -3.45 38.70
C LEU D 61 24.34 -2.50 38.40
N SER D 62 25.41 -3.04 37.82
CA SER D 62 26.57 -2.23 37.50
C SER D 62 26.96 -2.36 36.03
N ALA D 63 27.67 -1.37 35.54
CA ALA D 63 28.11 -1.39 34.16
C ALA D 63 29.42 -0.64 34.06
N VAL D 64 30.27 -1.09 33.15
CA VAL D 64 31.57 -0.46 32.93
C VAL D 64 31.73 -0.36 31.41
N VAL D 65 32.08 0.82 30.93
CA VAL D 65 32.28 1.03 29.50
C VAL D 65 33.68 1.57 29.30
N SER D 66 34.40 1.01 28.33
CA SER D 66 35.77 1.45 28.09
C SER D 66 36.29 1.24 26.68
N TYR D 67 37.43 1.87 26.41
CA TYR D 67 38.11 1.80 25.13
C TYR D 67 39.54 1.33 25.42
N PRO D 68 40.13 0.53 24.51
CA PRO D 68 41.50 0.04 24.70
C PRO D 68 42.45 1.17 25.08
N ASN D 69 43.30 0.90 26.07
CA ASN D 69 44.27 1.89 26.54
C ASN D 69 43.62 3.22 26.92
N ALA D 70 42.65 3.17 27.81
CA ALA D 70 41.93 4.37 28.26
C ALA D 70 41.21 4.06 29.56
N ASP D 71 40.98 5.10 30.37
CA ASP D 71 40.28 4.91 31.63
C ASP D 71 38.82 4.59 31.36
N SER D 72 38.25 3.67 32.14
CA SER D 72 36.86 3.30 31.95
C SER D 72 35.90 4.13 32.80
N ALA D 73 34.62 4.01 32.49
CA ALA D 73 33.57 4.72 33.20
C ALA D 73 32.69 3.64 33.80
N THR D 74 32.26 3.81 35.04
CA THR D 74 31.42 2.82 35.69
C THR D 74 30.25 3.46 36.42
N VAL D 75 29.14 2.72 36.47
CA VAL D 75 27.96 3.21 37.16
C VAL D 75 27.29 2.00 37.81
N SER D 76 26.75 2.21 39.00
CA SER D 76 26.09 1.13 39.75
C SER D 76 24.85 1.66 40.43
N TYR D 77 23.86 0.79 40.61
CA TYR D 77 22.62 1.20 41.26
C TYR D 77 22.00 -0.01 41.93
N ASP D 78 21.56 0.16 43.17
CA ASP D 78 20.94 -0.93 43.90
C ASP D 78 19.49 -1.03 43.47
N VAL D 79 19.10 -2.20 42.97
CA VAL D 79 17.74 -2.41 42.53
C VAL D 79 17.33 -3.87 42.62
N ASP D 80 16.14 -4.12 43.16
CA ASP D 80 15.63 -5.48 43.30
C ASP D 80 14.80 -5.74 42.04
N LEU D 81 15.38 -6.48 41.09
CA LEU D 81 14.66 -6.78 39.87
C LEU D 81 13.38 -7.58 40.04
N ASP D 82 13.25 -8.28 41.17
CA ASP D 82 12.05 -9.07 41.41
C ASP D 82 10.83 -8.17 41.60
N ASN D 83 11.08 -6.90 41.93
CA ASN D 83 10.00 -5.94 42.14
C ASN D 83 9.85 -4.97 40.97
N VAL D 84 10.68 -5.12 39.96
CA VAL D 84 10.62 -4.24 38.79
C VAL D 84 10.25 -4.92 37.47
N LEU D 85 10.86 -6.07 37.20
CA LEU D 85 10.59 -6.80 35.97
C LEU D 85 9.71 -8.04 36.14
N PRO D 86 9.10 -8.51 35.05
CA PRO D 86 8.26 -9.71 35.17
C PRO D 86 9.22 -10.88 35.31
N GLU D 87 8.74 -12.03 35.75
CA GLU D 87 9.60 -13.20 35.92
C GLU D 87 10.33 -13.56 34.64
N TRP D 88 9.61 -13.55 33.52
CA TRP D 88 10.21 -13.88 32.22
C TRP D 88 10.34 -12.59 31.40
N VAL D 89 11.48 -12.45 30.74
CA VAL D 89 11.77 -11.29 29.92
C VAL D 89 12.58 -11.66 28.68
N ARG D 90 12.85 -10.64 27.87
CA ARG D 90 13.65 -10.84 26.67
C ARG D 90 14.74 -9.79 26.87
N VAL D 91 15.93 -10.03 26.33
CA VAL D 91 17.00 -9.07 26.49
C VAL D 91 17.40 -8.59 25.09
N GLY D 92 17.90 -7.38 25.01
CA GLY D 92 18.28 -6.87 23.70
C GLY D 92 19.11 -5.59 23.73
N LEU D 93 19.36 -5.07 22.53
CA LEU D 93 20.14 -3.85 22.37
C LEU D 93 19.25 -2.89 21.59
N SER D 94 19.35 -1.61 21.91
CA SER D 94 18.56 -0.59 21.24
C SER D 94 19.41 0.65 20.93
N ALA D 95 19.01 1.43 19.93
CA ALA D 95 19.76 2.62 19.59
C ALA D 95 18.90 3.58 18.80
N SER D 96 19.26 4.85 18.82
CA SER D 96 18.48 5.83 18.08
C SER D 96 19.31 7.04 17.69
N THR D 97 18.70 7.88 16.85
CA THR D 97 19.31 9.12 16.37
C THR D 97 18.12 10.07 16.24
N GLY D 98 18.39 11.36 16.15
CA GLY D 98 17.33 12.33 16.02
C GLY D 98 17.77 13.38 15.03
N LEU D 99 17.90 14.63 15.47
CA LEU D 99 18.35 15.70 14.57
C LEU D 99 19.82 15.38 14.29
N TYR D 100 20.51 14.93 15.33
CA TYR D 100 21.92 14.58 15.18
C TYR D 100 22.01 13.08 15.05
N LYS D 101 23.06 12.58 14.40
CA LYS D 101 23.19 11.14 14.23
C LYS D 101 24.55 10.54 14.53
N GLU D 102 24.64 9.23 14.31
CA GLU D 102 25.86 8.47 14.54
C GLU D 102 25.56 7.03 14.12
N THR D 103 26.60 6.26 13.84
CA THR D 103 26.39 4.87 13.46
C THR D 103 26.26 4.21 14.83
N ASN D 104 25.43 3.18 14.92
CA ASN D 104 25.23 2.47 16.19
C ASN D 104 25.47 1.01 15.86
N THR D 105 26.71 0.74 15.48
CA THR D 105 27.18 -0.59 15.10
C THR D 105 27.61 -1.50 16.25
N ILE D 106 27.05 -2.71 16.26
CA ILE D 106 27.39 -3.68 17.28
C ILE D 106 28.25 -4.74 16.62
N LEU D 107 29.46 -4.95 17.15
CA LEU D 107 30.37 -5.93 16.59
C LEU D 107 30.30 -7.31 17.24
N SER D 108 29.79 -7.37 18.47
CA SER D 108 29.68 -8.65 19.18
C SER D 108 28.75 -8.43 20.36
N TRP D 109 28.19 -9.52 20.87
CA TRP D 109 27.28 -9.43 22.01
C TRP D 109 27.13 -10.81 22.63
N SER D 110 27.33 -10.88 23.94
CA SER D 110 27.22 -12.15 24.67
C SER D 110 26.37 -11.90 25.90
N PHE D 111 25.74 -12.96 26.41
CA PHE D 111 24.89 -12.86 27.57
C PHE D 111 24.83 -14.20 28.29
N THR D 112 24.76 -14.14 29.62
CA THR D 112 24.69 -15.35 30.42
C THR D 112 23.78 -15.06 31.60
N SER D 113 22.85 -15.96 31.87
CA SER D 113 21.93 -15.79 32.99
C SER D 113 21.84 -17.13 33.68
N LYS D 114 21.82 -17.11 35.02
CA LYS D 114 21.72 -18.34 35.79
C LYS D 114 20.71 -18.21 36.94
N LEU D 115 20.00 -19.29 37.21
CA LEU D 115 18.99 -19.33 38.27
C LEU D 115 19.15 -20.61 39.09
N LYS D 116 19.43 -20.46 40.38
CA LYS D 116 19.59 -21.61 41.27
C LYS D 116 18.35 -21.81 42.13
N SER D 117 17.68 -22.96 41.99
CA SER D 117 16.48 -23.23 42.78
C SER D 117 16.78 -23.35 44.27
N ASN D 118 15.82 -22.94 45.09
CA ASN D 118 15.98 -23.00 46.53
C ASN D 118 15.59 -24.36 47.10
N SER D 119 14.77 -25.09 46.37
CA SER D 119 14.31 -26.41 46.79
C SER D 119 15.32 -27.54 46.58
N THR D 120 16.00 -27.52 45.43
CA THR D 120 16.98 -28.57 45.14
C THR D 120 18.38 -28.02 44.86
N HIS D 121 18.51 -26.71 44.89
CA HIS D 121 19.79 -26.06 44.65
C HIS D 121 20.35 -26.45 43.27
N GLU D 122 19.45 -26.68 42.33
CA GLU D 122 19.84 -27.06 40.96
C GLU D 122 19.87 -25.77 40.17
N THR D 123 20.73 -25.69 39.16
CA THR D 123 20.82 -24.49 38.35
C THR D 123 20.33 -24.60 36.91
N ASN D 124 19.68 -23.52 36.47
CA ASN D 124 19.14 -23.42 35.12
C ASN D 124 19.96 -22.28 34.54
N ALA D 125 20.42 -22.42 33.31
CA ALA D 125 21.23 -21.37 32.72
C ALA D 125 21.04 -21.18 31.22
N LEU D 126 21.39 -19.99 30.77
CA LEU D 126 21.30 -19.63 29.37
C LEU D 126 22.50 -18.81 29.01
N HIS D 127 23.10 -19.10 27.86
CA HIS D 127 24.26 -18.35 27.41
C HIS D 127 24.28 -18.31 25.90
N PHE D 128 24.57 -17.13 25.36
CA PHE D 128 24.65 -17.00 23.92
C PHE D 128 25.77 -16.02 23.64
N MET D 129 26.46 -16.25 22.53
CA MET D 129 27.57 -15.40 22.14
C MET D 129 27.56 -15.18 20.64
N PHE D 130 27.58 -13.90 20.25
CA PHE D 130 27.59 -13.51 18.86
C PHE D 130 28.85 -12.72 18.61
N ASN D 131 29.74 -13.24 17.76
CA ASN D 131 30.97 -12.50 17.46
C ASN D 131 30.87 -12.11 16.00
N GLN D 132 29.82 -12.61 15.36
CA GLN D 132 29.55 -12.34 13.97
C GLN D 132 28.04 -12.41 13.77
N PHE D 133 27.48 -11.47 13.03
CA PHE D 133 26.04 -11.45 12.78
C PHE D 133 25.81 -11.84 11.32
N SER D 134 24.79 -12.66 11.08
CA SER D 134 24.47 -13.11 9.73
C SER D 134 23.35 -12.30 9.11
N LYS D 135 23.31 -12.30 7.78
CA LYS D 135 22.28 -11.56 7.04
C LYS D 135 20.89 -12.04 7.45
N ASP D 136 20.82 -13.30 7.85
CA ASP D 136 19.54 -13.88 8.27
C ASP D 136 19.76 -14.57 9.61
N GLN D 137 19.89 -13.77 10.67
CA GLN D 137 20.11 -14.29 12.02
C GLN D 137 18.77 -14.67 12.66
N LYS D 138 18.39 -15.93 12.51
CA LYS D 138 17.12 -16.41 13.07
C LYS D 138 16.96 -16.43 14.58
N ASP D 139 18.05 -16.29 15.33
CA ASP D 139 17.91 -16.30 16.79
C ASP D 139 17.81 -14.89 17.33
N LEU D 140 17.61 -13.93 16.43
CA LEU D 140 17.49 -12.53 16.82
C LEU D 140 16.20 -11.98 16.24
N ILE D 141 15.57 -11.09 16.99
CA ILE D 141 14.34 -10.46 16.56
C ILE D 141 14.74 -9.01 16.29
N LEU D 142 14.74 -8.62 15.01
CA LEU D 142 15.10 -7.24 14.66
C LEU D 142 13.85 -6.38 14.59
N GLN D 143 13.94 -5.18 15.16
CA GLN D 143 12.82 -4.25 15.17
C GLN D 143 13.23 -2.89 14.61
N GLY D 144 12.29 -2.19 14.01
CA GLY D 144 12.60 -0.88 13.45
C GLY D 144 13.61 -0.90 12.32
N ASP D 145 14.61 -0.02 12.41
CA ASP D 145 15.64 0.07 11.37
C ASP D 145 16.85 -0.86 11.54
N ALA D 146 16.85 -1.70 12.56
CA ALA D 146 17.98 -2.61 12.78
C ALA D 146 18.16 -3.65 11.67
N THR D 147 19.41 -3.88 11.28
CA THR D 147 19.75 -4.84 10.23
C THR D 147 21.06 -5.56 10.55
N THR D 148 21.24 -6.74 9.96
CA THR D 148 22.46 -7.54 10.18
C THR D 148 22.99 -8.04 8.85
N GLY D 149 24.26 -8.45 8.84
CA GLY D 149 24.86 -8.96 7.62
C GLY D 149 26.07 -8.18 7.15
N THR D 150 25.91 -6.85 7.03
CA THR D 150 27.01 -6.00 6.58
C THR D 150 28.24 -6.16 7.47
N ASP D 151 29.32 -6.64 6.88
CA ASP D 151 30.57 -6.84 7.61
C ASP D 151 30.41 -7.74 8.84
N GLY D 152 29.34 -8.54 8.86
CA GLY D 152 29.13 -9.43 9.99
C GLY D 152 28.73 -8.66 11.25
N ASN D 153 28.27 -7.43 11.07
CA ASN D 153 27.86 -6.60 12.19
C ASN D 153 26.37 -6.40 12.24
N LEU D 154 25.93 -5.81 13.35
CA LEU D 154 24.53 -5.51 13.60
C LEU D 154 24.44 -3.98 13.62
N GLU D 155 23.70 -3.40 12.69
CA GLU D 155 23.55 -1.94 12.64
C GLU D 155 22.19 -1.63 13.25
N LEU D 156 22.17 -1.15 14.48
CA LEU D 156 20.92 -0.82 15.14
C LEU D 156 20.13 0.28 14.44
N THR D 157 20.82 1.27 13.88
CA THR D 157 20.12 2.35 13.20
C THR D 157 20.47 2.47 11.72
N ARG D 158 19.64 3.19 10.98
CA ARG D 158 19.81 3.40 9.54
C ARG D 158 21.13 4.00 9.06
N VAL D 159 21.74 3.32 8.09
CA VAL D 159 23.00 3.74 7.49
C VAL D 159 22.73 3.74 5.99
N SER D 160 23.00 4.85 5.32
CA SER D 160 22.77 4.94 3.88
C SER D 160 23.82 4.17 3.07
N SER D 161 23.60 4.10 1.76
CA SER D 161 24.51 3.40 0.86
C SER D 161 25.96 3.86 0.95
N ASN D 162 26.18 5.17 1.04
CA ASN D 162 27.54 5.70 1.13
C ASN D 162 28.15 5.53 2.51
N GLY D 163 27.44 4.85 3.40
CA GLY D 163 27.95 4.63 4.75
C GLY D 163 27.66 5.70 5.78
N SER D 164 26.91 6.73 5.40
CA SER D 164 26.58 7.80 6.33
C SER D 164 25.37 7.46 7.20
N PRO D 165 25.48 7.69 8.52
CA PRO D 165 24.35 7.39 9.40
C PRO D 165 23.20 8.37 9.15
N GLN D 166 21.98 7.91 9.37
CA GLN D 166 20.81 8.76 9.16
C GLN D 166 20.16 9.19 10.47
N GLY D 167 19.50 10.34 10.44
CA GLY D 167 18.85 10.85 11.63
C GLY D 167 17.45 10.27 11.74
N SER D 168 16.74 10.62 12.81
CA SER D 168 15.39 10.12 13.04
C SER D 168 15.24 8.63 12.79
N SER D 169 16.18 7.86 13.35
CA SER D 169 16.17 6.41 13.19
C SER D 169 16.15 5.72 14.56
N VAL D 170 15.60 4.53 14.59
CA VAL D 170 15.52 3.76 15.83
C VAL D 170 15.47 2.29 15.44
N GLY D 171 16.20 1.45 16.18
CA GLY D 171 16.21 0.03 15.90
C GLY D 171 16.68 -0.78 17.07
N ARG D 172 16.20 -2.02 17.17
CA ARG D 172 16.60 -2.88 18.29
C ARG D 172 16.75 -4.32 17.84
N ALA D 173 17.44 -5.10 18.67
CA ALA D 173 17.67 -6.51 18.40
C ALA D 173 17.48 -7.21 19.74
N LEU D 174 16.60 -8.21 19.77
CA LEU D 174 16.34 -8.94 21.00
C LEU D 174 16.63 -10.41 20.77
N PHE D 175 17.17 -11.09 21.79
CA PHE D 175 17.48 -12.50 21.62
C PHE D 175 16.11 -13.20 21.55
N TYR D 176 16.00 -14.18 20.66
CA TYR D 176 14.76 -14.92 20.46
C TYR D 176 14.14 -15.60 21.67
N ALA D 177 14.95 -16.33 22.44
CA ALA D 177 14.43 -17.04 23.60
C ALA D 177 14.16 -16.18 24.84
N PRO D 178 13.00 -16.38 25.48
CA PRO D 178 12.70 -15.60 26.68
C PRO D 178 13.72 -16.03 27.74
N VAL D 179 13.99 -15.16 28.71
CA VAL D 179 14.95 -15.44 29.77
C VAL D 179 14.25 -15.40 31.12
N HIS D 180 14.52 -16.38 31.97
CA HIS D 180 13.91 -16.44 33.30
C HIS D 180 14.90 -15.65 34.14
N ILE D 181 14.63 -14.36 34.28
CA ILE D 181 15.48 -13.45 35.03
C ILE D 181 15.47 -13.54 36.54
N TRP D 182 14.34 -13.94 37.12
CA TRP D 182 14.24 -14.07 38.57
C TRP D 182 13.15 -15.06 38.94
N GLU D 183 13.28 -15.63 40.12
CA GLU D 183 12.32 -16.60 40.61
C GLU D 183 12.38 -16.57 42.13
N SER D 184 11.26 -16.25 42.77
CA SER D 184 11.20 -16.18 44.22
C SER D 184 11.75 -17.45 44.87
N SER D 185 11.63 -18.58 44.18
CA SER D 185 12.12 -19.85 44.69
C SER D 185 13.55 -20.17 44.27
N ALA D 186 14.39 -19.14 44.17
CA ALA D 186 15.79 -19.32 43.78
C ALA D 186 16.74 -18.77 44.84
N VAL D 187 17.82 -19.51 45.11
CA VAL D 187 18.82 -19.09 46.10
C VAL D 187 19.76 -18.04 45.55
N VAL D 188 20.12 -18.18 44.27
CA VAL D 188 21.02 -17.25 43.63
C VAL D 188 20.61 -17.04 42.17
N ALA D 189 20.56 -15.78 41.76
CA ALA D 189 20.19 -15.44 40.40
C ALA D 189 21.18 -14.40 39.92
N SER D 190 21.58 -14.47 38.66
CA SER D 190 22.54 -13.50 38.15
C SER D 190 22.60 -13.50 36.64
N PHE D 191 23.12 -12.41 36.09
CA PHE D 191 23.25 -12.32 34.65
C PHE D 191 24.36 -11.36 34.34
N GLU D 192 24.90 -11.50 33.14
CA GLU D 192 25.99 -10.66 32.69
C GLU D 192 25.84 -10.48 31.20
N ALA D 193 26.21 -9.32 30.69
CA ALA D 193 26.11 -9.05 29.28
C ALA D 193 27.34 -8.26 28.88
N THR D 194 27.79 -8.46 27.65
CA THR D 194 28.96 -7.75 27.14
C THR D 194 28.74 -7.51 25.66
N PHE D 195 29.13 -6.34 25.19
CA PHE D 195 28.97 -6.05 23.77
C PHE D 195 30.00 -5.03 23.36
N THR D 196 30.45 -5.13 22.11
CA THR D 196 31.44 -4.20 21.58
C THR D 196 30.67 -3.37 20.56
N PHE D 197 30.95 -2.08 20.55
CA PHE D 197 30.28 -1.16 19.65
C PHE D 197 31.21 -0.21 18.96
N LEU D 198 30.69 0.40 17.90
CA LEU D 198 31.46 1.36 17.11
C LEU D 198 30.53 2.52 16.79
N ILE D 199 30.72 3.64 17.49
CA ILE D 199 29.90 4.83 17.28
C ILE D 199 30.75 5.88 16.54
N LYS D 200 30.30 6.22 15.33
CA LYS D 200 30.99 7.19 14.48
C LYS D 200 29.99 8.22 13.96
N SER D 201 30.41 9.48 13.92
CA SER D 201 29.55 10.54 13.43
C SER D 201 30.34 11.63 12.72
N PRO D 202 29.76 12.21 11.66
CA PRO D 202 30.43 13.28 10.90
C PRO D 202 30.40 14.62 11.64
N ASP D 203 29.24 14.97 12.16
CA ASP D 203 29.07 16.21 12.89
C ASP D 203 29.84 16.20 14.21
N SER D 204 29.93 17.36 14.85
CA SER D 204 30.63 17.50 16.12
C SER D 204 29.80 17.03 17.31
N HIS D 205 28.49 16.91 17.10
CA HIS D 205 27.60 16.46 18.17
C HIS D 205 26.81 15.21 17.78
N PRO D 206 27.40 14.03 18.00
CA PRO D 206 26.73 12.76 17.67
C PRO D 206 25.54 12.52 18.60
N ALA D 207 24.61 11.68 18.16
CA ALA D 207 23.42 11.36 18.94
C ALA D 207 22.78 10.10 18.36
N ASP D 208 21.97 9.38 19.13
CA ASP D 208 21.64 9.70 20.52
C ASP D 208 22.18 8.70 21.55
N GLY D 209 22.57 7.51 21.10
CA GLY D 209 23.10 6.53 22.01
C GLY D 209 22.70 5.08 21.76
N ILE D 210 23.25 4.19 22.58
CA ILE D 210 22.99 2.75 22.48
C ILE D 210 22.65 2.26 23.88
N ALA D 211 21.81 1.24 23.97
CA ALA D 211 21.47 0.73 25.29
C ALA D 211 21.23 -0.77 25.29
N PHE D 212 21.60 -1.41 26.40
CA PHE D 212 21.39 -2.85 26.56
C PHE D 212 20.14 -2.79 27.42
N PHE D 213 19.10 -3.56 27.09
CA PHE D 213 17.90 -3.50 27.90
C PHE D 213 17.25 -4.84 28.16
N ILE D 214 16.38 -4.85 29.15
CA ILE D 214 15.65 -6.05 29.56
C ILE D 214 14.20 -5.60 29.64
N SER D 215 13.30 -6.38 29.04
CA SER D 215 11.90 -5.98 29.08
C SER D 215 10.93 -7.14 29.00
N ASN D 216 9.65 -6.81 29.03
CA ASN D 216 8.60 -7.83 28.95
C ASN D 216 8.85 -8.52 27.61
N ILE D 217 8.57 -9.82 27.55
CA ILE D 217 8.79 -10.59 26.33
C ILE D 217 8.17 -10.07 25.03
N ASP D 218 7.00 -9.43 25.11
CA ASP D 218 6.35 -8.91 23.92
C ASP D 218 6.63 -7.44 23.66
N SER D 219 7.75 -6.96 24.16
CA SER D 219 8.16 -5.58 24.00
C SER D 219 8.40 -5.19 22.54
N SER D 220 7.97 -3.98 22.18
CA SER D 220 8.13 -3.45 20.85
C SER D 220 8.61 -2.00 20.96
N ILE D 221 9.21 -1.48 19.89
CA ILE D 221 9.71 -0.11 19.89
C ILE D 221 8.53 0.83 20.10
N PRO D 222 8.58 1.69 21.14
CA PRO D 222 7.46 2.60 21.35
C PRO D 222 7.41 3.58 20.18
N SER D 223 6.22 3.76 19.62
CA SER D 223 6.05 4.67 18.49
C SER D 223 6.64 6.04 18.76
N GLY D 224 7.47 6.51 17.83
CA GLY D 224 8.10 7.81 17.98
C GLY D 224 9.25 7.91 18.97
N SER D 225 9.77 6.77 19.41
CA SER D 225 10.88 6.79 20.38
C SER D 225 12.27 7.04 19.80
N THR D 226 12.36 7.91 18.80
CA THR D 226 13.63 8.24 18.19
C THR D 226 14.28 9.29 19.10
N GLY D 227 15.45 9.76 18.72
CA GLY D 227 16.13 10.77 19.51
C GLY D 227 16.48 10.39 20.94
N ARG D 228 16.20 11.31 21.85
CA ARG D 228 16.48 11.12 23.28
C ARG D 228 15.79 9.95 23.97
N LEU D 229 14.77 9.39 23.35
CA LEU D 229 14.04 8.26 23.93
C LEU D 229 14.73 6.90 23.74
N LEU D 230 15.81 6.90 22.95
CA LEU D 230 16.60 5.71 22.69
C LEU D 230 15.88 4.43 22.26
N GLY D 231 14.68 4.57 21.70
CA GLY D 231 13.90 3.43 21.27
C GLY D 231 13.41 2.58 22.43
N LEU D 232 13.51 3.11 23.64
CA LEU D 232 13.11 2.40 24.86
C LEU D 232 11.83 2.87 25.56
N PHE D 233 11.60 4.18 25.57
CA PHE D 233 10.42 4.73 26.23
C PHE D 233 9.49 5.57 25.35
N PRO D 234 8.19 5.61 25.70
CA PRO D 234 7.18 6.36 24.94
C PRO D 234 7.21 7.86 25.23
N ASP D 235 7.75 8.24 26.39
CA ASP D 235 7.83 9.63 26.78
C ASP D 235 9.05 9.88 27.66
N ALA D 236 9.26 11.13 28.06
CA ALA D 236 10.39 11.49 28.89
C ALA D 236 10.07 11.53 30.38
N ASN D 237 8.91 11.01 30.76
CA ASN D 237 8.50 10.98 32.15
C ASN D 237 9.50 10.22 33.03
#